data_9KUR
#
_entry.id   9KUR
#
_cell.length_a   48.408
_cell.length_b   74.222
_cell.length_c   96.510
_cell.angle_alpha   106.63
_cell.angle_beta   103.63
_cell.angle_gamma   96.07
#
_symmetry.space_group_name_H-M   'P 1'
#
loop_
_entity.id
_entity.type
_entity.pdbx_description
1 polymer Nucleoprotein
2 polymer '400Fab Heavy chain'
3 polymer '400Fab Light chain'
4 water water
#
loop_
_entity_poly.entity_id
_entity_poly.type
_entity_poly.pdbx_seq_one_letter_code
_entity_poly.pdbx_strand_id
1 'polypeptide(L)'
;SSAAEASKKPRQKRTATKAYNVTQAFGRRGPEQTQGNFGDQELIRQGTDYKHWPQIAQFAPSASAFFGMSRIGMEVTPSG
TWLTYTGAIKLDDKDPNFKDQVILLNKHIDAYKTFPP
;
A,B
2 'polypeptide(L)'
;EVQLLESGGGLVQPGGSLRLSCAASGFTFSSYAMSWVRQAPGKGLEWVSVIYSGGSSTYYADSVKGRFTISRDNSKNTLY
LQMNSLRAEDTAVYYCAKDHLELSAAGSQINYYYYGMDVWGQGTTVTVSSASTKGPSVFPLAPSSKSTSGGTAALGCLVK
DYFPEPVTVSWNSGALTSGVHTFPAVLQSSGLYSLSSVVTVPSSSLGTQTYICNVNHKPSNTKVDKRVEPKSCDK
;
H,G
3 'polypeptide(L)'
;SYELTQPPSVSVSPGQTARITCSGDALPKQYAYWYQQKPGQAPVLVIYKDSERPSGIPERFSGSSSGTTVTLTISGVQAE
DEADYYCQSADSSGTSHWVFGGGTKLTVLGQPKAAPSVTLFPPSSEELQANKATLVCLISDFYPGAVTVAWKADSSPVKA
GVETTTPSKQSNNKYAASSYLSLTPEQWKSHRSYSCQVTHEGSTVEKTVAPTECS
;
L,D
#
# COMPACT_ATOMS: atom_id res chain seq x y z
N SER A 1 20.32 -20.09 19.70
CA SER A 1 20.19 -18.89 20.54
C SER A 1 18.89 -18.92 21.31
N SER A 2 18.85 -18.19 22.43
CA SER A 2 17.65 -18.15 23.25
C SER A 2 16.49 -17.50 22.52
N ALA A 3 16.77 -16.48 21.70
CA ALA A 3 15.68 -15.82 20.99
C ALA A 3 15.04 -16.76 19.97
N ALA A 4 15.86 -17.55 19.28
CA ALA A 4 15.32 -18.54 18.34
C ALA A 4 14.51 -19.60 19.07
N GLU A 5 14.99 -20.06 20.23
CA GLU A 5 14.23 -21.03 21.01
C GLU A 5 12.96 -20.42 21.59
N ALA A 6 13.06 -19.17 22.07
CA ALA A 6 11.91 -18.56 22.72
C ALA A 6 10.78 -18.27 21.75
N SER A 7 11.11 -17.99 20.49
CA SER A 7 10.11 -17.68 19.47
C SER A 7 9.84 -18.84 18.52
N LYS A 8 10.41 -20.01 18.77
CA LYS A 8 10.21 -21.14 17.87
C LYS A 8 8.75 -21.56 17.86
N LYS A 9 8.19 -21.73 16.67
CA LYS A 9 6.78 -22.04 16.54
C LYS A 9 6.53 -23.50 16.91
N PRO A 10 5.37 -23.81 17.49
CA PRO A 10 5.03 -25.20 17.80
C PRO A 10 4.75 -25.96 16.52
N ARG A 11 4.69 -27.29 16.66
CA ARG A 11 4.46 -28.18 15.53
C ARG A 11 3.25 -27.75 14.70
N GLN A 12 2.14 -27.44 15.38
CA GLN A 12 0.90 -27.16 14.67
C GLN A 12 0.90 -25.82 13.95
N LYS A 13 1.84 -24.93 14.24
CA LYS A 13 1.90 -23.63 13.60
C LYS A 13 2.95 -23.55 12.50
N ARG A 14 3.63 -24.65 12.19
CA ARG A 14 4.68 -24.64 11.19
C ARG A 14 4.11 -24.80 9.79
N THR A 15 4.93 -24.46 8.81
CA THR A 15 4.57 -24.54 7.40
C THR A 15 5.72 -25.16 6.63
N ALA A 16 5.42 -26.19 5.84
CA ALA A 16 6.45 -26.92 5.12
C ALA A 16 6.62 -26.37 3.70
N THR A 17 7.87 -26.12 3.33
CA THR A 17 8.21 -25.66 1.98
C THR A 17 9.37 -26.47 1.44
N LYS A 18 9.91 -26.07 0.28
CA LYS A 18 11.10 -26.72 -0.25
C LYS A 18 12.30 -26.50 0.67
N ALA A 19 12.36 -25.32 1.29
CA ALA A 19 13.45 -24.96 2.20
C ALA A 19 13.30 -25.59 3.58
N TYR A 20 12.23 -26.36 3.82
CA TYR A 20 11.90 -26.90 5.13
C TYR A 20 10.73 -27.87 4.97
N ASN A 21 11.03 -29.12 4.61
CA ASN A 21 10.03 -30.01 4.05
C ASN A 21 9.15 -30.62 5.14
N VAL A 22 8.29 -31.56 4.74
CA VAL A 22 7.32 -32.15 5.65
C VAL A 22 8.01 -32.99 6.71
N THR A 23 9.06 -33.72 6.32
CA THR A 23 9.78 -34.55 7.28
C THR A 23 10.44 -33.69 8.35
N GLN A 24 11.09 -32.60 7.96
CA GLN A 24 11.74 -31.74 8.94
C GLN A 24 10.73 -31.06 9.84
N ALA A 25 9.61 -30.60 9.28
CA ALA A 25 8.64 -29.85 10.06
C ALA A 25 7.76 -30.77 10.91
N PHE A 26 7.28 -31.86 10.34
CA PHE A 26 6.27 -32.70 10.99
C PHE A 26 6.69 -34.15 11.18
N GLY A 27 7.98 -34.46 11.00
CA GLY A 27 8.46 -35.80 11.21
C GLY A 27 8.16 -36.72 10.03
N ARG A 28 8.77 -37.90 10.09
CA ARG A 28 8.61 -38.89 9.03
C ARG A 28 7.19 -39.45 9.00
N ARG A 29 6.75 -39.82 7.80
CA ARG A 29 5.46 -40.50 7.67
C ARG A 29 5.56 -41.93 8.19
N GLY A 30 4.51 -42.38 8.86
CA GLY A 30 4.50 -43.71 9.42
C GLY A 30 3.11 -44.14 9.86
N PRO A 31 3.01 -45.38 10.36
CA PRO A 31 1.71 -45.91 10.78
C PRO A 31 1.34 -45.64 12.22
N GLU A 32 2.27 -45.17 13.06
CA GLU A 32 1.99 -44.95 14.46
C GLU A 32 0.95 -43.84 14.65
N GLN A 33 0.22 -43.92 15.76
CA GLN A 33 -0.81 -42.93 16.04
C GLN A 33 -0.22 -41.52 16.14
N THR A 34 1.03 -41.41 16.59
CA THR A 34 1.68 -40.12 16.74
C THR A 34 2.23 -39.57 15.43
N GLN A 35 2.23 -40.36 14.37
CA GLN A 35 2.87 -39.99 13.12
C GLN A 35 1.84 -39.52 12.10
N GLY A 36 2.28 -38.59 11.24
CA GLY A 36 1.50 -38.29 10.05
C GLY A 36 1.65 -39.37 9.01
N ASN A 37 0.64 -39.48 8.15
CA ASN A 37 0.60 -40.51 7.12
C ASN A 37 0.36 -39.97 5.72
N PHE A 38 0.26 -38.66 5.56
CA PHE A 38 -0.21 -38.05 4.33
C PHE A 38 0.96 -37.50 3.51
N GLY A 39 1.00 -37.86 2.23
CA GLY A 39 1.94 -37.27 1.31
C GLY A 39 2.84 -38.23 0.56
N ASP A 40 2.92 -38.07 -0.76
CA ASP A 40 3.91 -38.78 -1.55
C ASP A 40 5.25 -38.02 -1.49
N GLN A 41 6.28 -38.62 -2.08
CA GLN A 41 7.63 -38.05 -1.95
C GLN A 41 7.68 -36.62 -2.45
N GLU A 42 6.89 -36.30 -3.49
CA GLU A 42 6.86 -34.93 -4.01
C GLU A 42 6.32 -33.96 -2.95
N LEU A 43 5.17 -34.28 -2.37
CA LEU A 43 4.61 -33.42 -1.33
C LEU A 43 5.52 -33.37 -0.10
N ILE A 44 6.10 -34.52 0.27
CA ILE A 44 7.09 -34.53 1.34
C ILE A 44 8.19 -33.51 1.03
N ARG A 45 8.68 -33.53 -0.20
CA ARG A 45 9.83 -32.72 -0.59
C ARG A 45 9.47 -31.24 -0.69
N GLN A 46 8.27 -30.92 -1.18
CA GLN A 46 7.93 -29.56 -1.56
C GLN A 46 6.96 -28.86 -0.62
N GLY A 47 6.15 -29.59 0.15
CA GLY A 47 5.28 -28.93 1.10
C GLY A 47 4.26 -28.04 0.41
N THR A 48 4.17 -26.79 0.86
CA THR A 48 3.24 -25.85 0.25
C THR A 48 3.71 -25.38 -1.13
N ASP A 49 4.96 -25.67 -1.51
CA ASP A 49 5.41 -25.42 -2.87
C ASP A 49 4.93 -26.48 -3.84
N TYR A 50 4.29 -27.53 -3.35
CA TYR A 50 3.73 -28.57 -4.22
C TYR A 50 2.74 -27.95 -5.20
N LYS A 51 2.77 -28.45 -6.44
CA LYS A 51 1.95 -27.84 -7.50
C LYS A 51 0.47 -27.88 -7.14
N HIS A 52 -0.01 -29.01 -6.61
CA HIS A 52 -1.42 -29.18 -6.29
C HIS A 52 -1.73 -28.88 -4.83
N TRP A 53 -0.88 -28.11 -4.15
CA TRP A 53 -1.15 -27.80 -2.75
C TRP A 53 -2.44 -27.01 -2.54
N PRO A 54 -2.79 -26.01 -3.35
CA PRO A 54 -4.09 -25.35 -3.15
C PRO A 54 -5.27 -26.29 -3.26
N GLN A 55 -5.17 -27.35 -4.09
CA GLN A 55 -6.24 -28.33 -4.17
C GLN A 55 -6.33 -29.21 -2.94
N ILE A 56 -5.26 -29.33 -2.17
CA ILE A 56 -5.30 -30.06 -0.91
C ILE A 56 -5.70 -29.14 0.24
N ALA A 57 -5.17 -27.92 0.25
CA ALA A 57 -5.44 -26.98 1.34
C ALA A 57 -6.89 -26.51 1.37
N GLN A 58 -7.64 -26.71 0.28
CA GLN A 58 -9.07 -26.40 0.29
C GLN A 58 -9.83 -27.25 1.30
N PHE A 59 -9.24 -28.36 1.76
CA PHE A 59 -9.87 -29.21 2.75
C PHE A 59 -9.40 -28.93 4.17
N ALA A 60 -8.32 -28.16 4.34
CA ALA A 60 -7.84 -27.86 5.68
C ALA A 60 -8.77 -26.85 6.35
N PRO A 61 -9.14 -27.09 7.61
CA PRO A 61 -10.06 -26.18 8.28
C PRO A 61 -9.37 -24.93 8.79
N SER A 62 -10.10 -23.83 8.76
CA SER A 62 -9.65 -22.62 9.43
C SER A 62 -9.60 -22.87 10.94
N ALA A 63 -8.94 -21.94 11.65
CA ALA A 63 -8.85 -22.06 13.09
C ALA A 63 -10.23 -22.14 13.73
N SER A 64 -11.17 -21.31 13.25
CA SER A 64 -12.52 -21.34 13.80
C SER A 64 -13.24 -22.64 13.46
N ALA A 65 -13.08 -23.12 12.23
CA ALA A 65 -13.72 -24.37 11.83
C ALA A 65 -13.07 -25.57 12.51
N PHE A 66 -11.76 -25.50 12.78
CA PHE A 66 -11.09 -26.59 13.47
C PHE A 66 -11.72 -26.83 14.84
N PHE A 67 -11.90 -25.77 15.63
CA PHE A 67 -12.53 -25.91 16.92
C PHE A 67 -14.05 -25.94 16.83
N GLY A 68 -14.63 -25.63 15.68
CA GLY A 68 -16.06 -25.68 15.50
C GLY A 68 -16.59 -27.02 15.05
N MET A 69 -15.85 -27.68 14.15
CA MET A 69 -16.27 -28.96 13.60
C MET A 69 -15.72 -30.16 14.36
N SER A 70 -14.52 -30.04 14.93
CA SER A 70 -13.83 -31.22 15.43
C SER A 70 -14.36 -31.65 16.79
N ARG A 71 -14.07 -32.92 17.12
CA ARG A 71 -14.27 -33.44 18.47
C ARG A 71 -12.97 -33.24 19.23
N ILE A 72 -13.00 -32.38 20.24
CA ILE A 72 -11.80 -31.96 20.97
C ILE A 72 -11.75 -32.69 22.30
N GLY A 73 -10.56 -33.17 22.68
CA GLY A 73 -10.38 -33.83 23.95
C GLY A 73 -9.06 -33.45 24.57
N MET A 74 -8.92 -33.79 25.85
CA MET A 74 -7.69 -33.56 26.60
C MET A 74 -7.25 -34.88 27.23
N GLU A 75 -6.00 -35.26 27.00
CA GLU A 75 -5.41 -36.46 27.56
C GLU A 75 -4.28 -36.05 28.50
N VAL A 76 -4.50 -36.22 29.80
CA VAL A 76 -3.52 -35.90 30.82
C VAL A 76 -2.88 -37.20 31.27
N THR A 77 -1.64 -37.43 30.87
CA THR A 77 -0.91 -38.66 31.10
C THR A 77 0.42 -38.35 31.77
N PRO A 78 1.07 -39.36 32.38
CA PRO A 78 2.38 -39.10 33.00
C PRO A 78 3.44 -38.61 32.03
N SER A 79 3.30 -38.91 30.73
CA SER A 79 4.26 -38.47 29.73
C SER A 79 3.90 -37.14 29.08
N GLY A 80 2.85 -36.49 29.56
CA GLY A 80 2.48 -35.18 29.03
C GLY A 80 0.99 -34.97 28.85
N THR A 81 0.61 -33.76 28.48
CA THR A 81 -0.78 -33.38 28.28
C THR A 81 -0.98 -33.04 26.81
N TRP A 82 -2.04 -33.59 26.21
CA TRP A 82 -2.28 -33.47 24.78
C TRP A 82 -3.67 -32.92 24.51
N LEU A 83 -3.76 -32.07 23.50
CA LEU A 83 -5.03 -31.72 22.87
C LEU A 83 -5.28 -32.69 21.73
N THR A 84 -6.32 -33.51 21.85
CA THR A 84 -6.66 -34.48 20.82
C THR A 84 -7.80 -33.95 19.96
N TYR A 85 -7.75 -34.27 18.67
CA TYR A 85 -8.77 -33.81 17.73
C TYR A 85 -9.08 -34.92 16.75
N THR A 86 -10.37 -35.08 16.47
CA THR A 86 -10.84 -35.98 15.42
C THR A 86 -12.00 -35.30 14.70
N GLY A 87 -12.17 -35.62 13.43
CA GLY A 87 -13.27 -35.06 12.68
C GLY A 87 -13.30 -35.59 11.27
N ALA A 88 -14.20 -35.01 10.48
CA ALA A 88 -14.38 -35.41 9.09
C ALA A 88 -14.86 -34.21 8.28
N ILE A 89 -14.27 -34.05 7.11
CA ILE A 89 -14.65 -32.98 6.18
C ILE A 89 -15.36 -33.62 5.01
N LYS A 90 -16.62 -33.27 4.81
CA LYS A 90 -17.42 -33.87 3.75
C LYS A 90 -17.06 -33.26 2.39
N LEU A 91 -16.77 -34.13 1.43
CA LEU A 91 -16.61 -33.71 0.05
C LEU A 91 -17.97 -33.62 -0.63
N ASP A 92 -18.01 -32.92 -1.75
CA ASP A 92 -19.22 -32.81 -2.55
C ASP A 92 -19.09 -33.76 -3.74
N ASP A 93 -19.73 -34.92 -3.64
CA ASP A 93 -19.59 -35.93 -4.69
C ASP A 93 -20.26 -35.54 -6.00
N LYS A 94 -21.01 -34.43 -6.02
CA LYS A 94 -21.59 -33.91 -7.24
C LYS A 94 -20.76 -32.80 -7.87
N ASP A 95 -19.72 -32.33 -7.19
CA ASP A 95 -18.83 -31.34 -7.77
C ASP A 95 -18.12 -31.94 -8.98
N PRO A 96 -18.03 -31.21 -10.09
CA PRO A 96 -17.29 -31.72 -11.26
C PRO A 96 -15.85 -32.15 -10.94
N ASN A 97 -15.22 -31.53 -9.96
CA ASN A 97 -13.84 -31.84 -9.59
C ASN A 97 -13.74 -32.98 -8.56
N PHE A 98 -14.87 -33.62 -8.23
CA PHE A 98 -14.87 -34.60 -7.15
C PHE A 98 -13.98 -35.79 -7.46
N LYS A 99 -14.10 -36.33 -8.68
CA LYS A 99 -13.32 -37.52 -9.03
C LYS A 99 -11.82 -37.22 -9.00
N ASP A 100 -11.43 -36.02 -9.45
CA ASP A 100 -10.03 -35.63 -9.37
C ASP A 100 -9.60 -35.37 -7.93
N GLN A 101 -10.52 -34.89 -7.08
CA GLN A 101 -10.19 -34.67 -5.68
C GLN A 101 -9.90 -35.97 -4.97
N VAL A 102 -10.72 -37.00 -5.22
CA VAL A 102 -10.51 -38.31 -4.61
C VAL A 102 -9.17 -38.90 -5.05
N ILE A 103 -8.82 -38.72 -6.32
CA ILE A 103 -7.55 -39.26 -6.82
C ILE A 103 -6.38 -38.55 -6.16
N LEU A 104 -6.45 -37.22 -6.05
CA LEU A 104 -5.36 -36.47 -5.46
C LEU A 104 -5.18 -36.81 -3.99
N LEU A 105 -6.27 -36.94 -3.26
CA LEU A 105 -6.18 -37.31 -1.84
C LEU A 105 -5.68 -38.73 -1.68
N ASN A 106 -6.12 -39.64 -2.54
CA ASN A 106 -5.68 -41.03 -2.45
C ASN A 106 -4.19 -41.16 -2.76
N LYS A 107 -3.68 -40.34 -3.69
CA LYS A 107 -2.28 -40.44 -4.08
C LYS A 107 -1.35 -40.11 -2.93
N HIS A 108 -1.80 -39.28 -1.98
CA HIS A 108 -0.96 -38.88 -0.86
C HIS A 108 -1.25 -39.62 0.43
N ILE A 109 -2.44 -40.24 0.56
CA ILE A 109 -2.77 -40.95 1.79
C ILE A 109 -1.99 -42.26 1.83
N ASP A 110 -1.19 -42.43 2.89
CA ASP A 110 -0.38 -43.63 3.11
C ASP A 110 0.58 -43.90 1.94
N ALA A 111 0.98 -42.85 1.25
CA ALA A 111 1.90 -43.01 0.12
C ALA A 111 3.28 -43.49 0.55
N TYR A 112 3.64 -43.29 1.81
CA TYR A 112 4.94 -43.74 2.30
C TYR A 112 5.10 -45.25 2.23
N LYS A 113 4.00 -45.99 2.08
CA LYS A 113 4.08 -47.45 2.00
C LYS A 113 4.69 -47.94 0.70
N THR A 114 4.65 -47.12 -0.35
CA THR A 114 5.27 -47.48 -1.63
C THR A 114 6.75 -47.13 -1.66
N PHE A 115 7.19 -46.20 -0.84
CA PHE A 115 8.54 -45.63 -0.89
C PHE A 115 9.60 -46.74 -0.85
N PRO A 116 10.41 -46.90 -1.90
CA PRO A 116 11.49 -47.89 -1.96
C PRO A 116 12.66 -47.53 -1.04
N SER B 1 -29.62 -16.79 -4.30
CA SER B 1 -29.09 -16.58 -5.64
C SER B 1 -28.09 -17.66 -6.01
N SER B 2 -27.96 -17.92 -7.32
CA SER B 2 -27.01 -18.92 -7.79
C SER B 2 -25.58 -18.52 -7.49
N ALA B 3 -25.26 -17.22 -7.60
CA ALA B 3 -23.91 -16.75 -7.31
C ALA B 3 -23.55 -16.96 -5.85
N ALA B 4 -24.51 -16.74 -4.94
CA ALA B 4 -24.27 -17.00 -3.53
C ALA B 4 -24.09 -18.50 -3.27
N GLU B 5 -24.88 -19.34 -3.95
CA GLU B 5 -24.74 -20.78 -3.75
C GLU B 5 -23.46 -21.31 -4.38
N ALA B 6 -23.08 -20.78 -5.55
CA ALA B 6 -21.90 -21.25 -6.26
C ALA B 6 -20.60 -20.82 -5.58
N SER B 7 -20.62 -19.74 -4.81
CA SER B 7 -19.42 -19.25 -4.13
C SER B 7 -19.49 -19.46 -2.61
N LYS B 8 -20.52 -20.16 -2.13
CA LYS B 8 -20.67 -20.36 -0.69
C LYS B 8 -19.54 -21.25 -0.18
N LYS B 9 -18.89 -20.79 0.88
CA LYS B 9 -17.72 -21.51 1.40
C LYS B 9 -18.17 -22.76 2.15
N PRO B 10 -17.45 -23.87 1.99
CA PRO B 10 -17.78 -25.08 2.74
C PRO B 10 -17.50 -24.88 4.22
N ARG B 11 -17.93 -25.87 5.00
CA ARG B 11 -17.87 -25.77 6.46
C ARG B 11 -16.45 -25.50 6.95
N GLN B 12 -15.46 -26.18 6.37
CA GLN B 12 -14.10 -26.07 6.88
C GLN B 12 -13.49 -24.70 6.65
N LYS B 13 -14.04 -23.90 5.76
CA LYS B 13 -13.48 -22.59 5.43
C LYS B 13 -14.23 -21.44 6.07
N ARG B 14 -15.22 -21.72 6.92
CA ARG B 14 -16.02 -20.68 7.55
C ARG B 14 -15.36 -20.19 8.84
N THR B 15 -15.75 -19.00 9.27
CA THR B 15 -15.24 -18.37 10.48
C THR B 15 -16.42 -17.89 11.30
N ALA B 16 -16.50 -18.33 12.56
CA ALA B 16 -17.58 -17.92 13.44
C ALA B 16 -17.27 -16.59 14.10
N THR B 17 -18.23 -15.68 14.08
CA THR B 17 -18.16 -14.41 14.78
C THR B 17 -19.47 -14.18 15.52
N LYS B 18 -19.60 -13.01 16.15
CA LYS B 18 -20.85 -12.66 16.79
C LYS B 18 -22.00 -12.60 15.79
N ALA B 19 -21.71 -12.15 14.57
CA ALA B 19 -22.73 -12.04 13.53
C ALA B 19 -22.97 -13.35 12.79
N TYR B 20 -22.21 -14.39 13.10
CA TYR B 20 -22.35 -15.69 12.45
C TYR B 20 -21.74 -16.73 13.37
N ASN B 21 -22.49 -17.15 14.39
CA ASN B 21 -21.93 -17.83 15.54
C ASN B 21 -21.57 -19.28 15.20
N VAL B 22 -21.07 -19.98 16.22
CA VAL B 22 -20.57 -21.34 16.02
C VAL B 22 -21.70 -22.27 15.59
N THR B 23 -22.90 -22.08 16.16
CA THR B 23 -24.04 -22.91 15.79
C THR B 23 -24.42 -22.69 14.34
N GLN B 24 -24.48 -21.43 13.90
CA GLN B 24 -24.84 -21.14 12.52
C GLN B 24 -23.81 -21.69 11.54
N ALA B 25 -22.53 -21.52 11.86
CA ALA B 25 -21.48 -21.90 10.93
C ALA B 25 -21.19 -23.40 10.95
N PHE B 26 -21.20 -24.01 12.14
CA PHE B 26 -20.72 -25.38 12.29
C PHE B 26 -21.74 -26.31 12.93
N GLY B 27 -22.96 -25.86 13.15
CA GLY B 27 -23.98 -26.70 13.75
C GLY B 27 -23.90 -26.71 15.27
N ARG B 28 -24.96 -27.21 15.88
CA ARG B 28 -25.03 -27.29 17.34
C ARG B 28 -24.01 -28.29 17.87
N ARG B 29 -23.55 -28.05 19.09
CA ARG B 29 -22.66 -29.00 19.74
C ARG B 29 -23.41 -30.26 20.10
N GLY B 30 -22.73 -31.40 20.01
CA GLY B 30 -23.34 -32.67 20.29
C GLY B 30 -22.37 -33.81 20.43
N PRO B 31 -22.89 -35.00 20.73
CA PRO B 31 -22.03 -36.17 20.92
C PRO B 31 -21.76 -36.98 19.66
N GLU B 32 -22.46 -36.71 18.56
CA GLU B 32 -22.29 -37.50 17.35
C GLU B 32 -20.90 -37.27 16.74
N GLN B 33 -20.51 -38.19 15.86
CA GLN B 33 -19.14 -38.20 15.35
C GLN B 33 -18.89 -37.03 14.40
N THR B 34 -19.91 -36.56 13.70
CA THR B 34 -19.77 -35.41 12.81
C THR B 34 -20.24 -34.11 13.46
N GLN B 35 -20.45 -34.11 14.76
CA GLN B 35 -20.80 -32.91 15.50
C GLN B 35 -19.59 -32.40 16.26
N GLY B 36 -19.42 -31.08 16.30
CA GLY B 36 -18.44 -30.50 17.18
C GLY B 36 -18.88 -30.57 18.63
N ASN B 37 -17.91 -30.61 19.53
CA ASN B 37 -18.19 -30.67 20.95
C ASN B 37 -17.55 -29.54 21.74
N PHE B 38 -16.90 -28.59 21.06
CA PHE B 38 -16.06 -27.59 21.71
C PHE B 38 -16.80 -26.26 21.80
N GLY B 39 -16.82 -25.68 23.00
CA GLY B 39 -17.31 -24.33 23.18
C GLY B 39 -18.42 -24.21 24.23
N ASP B 40 -18.26 -23.27 25.15
CA ASP B 40 -19.32 -22.92 26.08
C ASP B 40 -20.25 -21.91 25.41
N GLN B 41 -21.26 -21.46 26.16
CA GLN B 41 -22.23 -20.52 25.59
C GLN B 41 -21.53 -19.27 25.07
N GLU B 42 -20.52 -18.77 25.81
CA GLU B 42 -19.84 -17.55 25.40
C GLU B 42 -19.13 -17.75 24.06
N LEU B 43 -18.28 -18.76 23.95
CA LEU B 43 -17.56 -18.99 22.70
C LEU B 43 -18.53 -19.32 21.57
N ILE B 44 -19.61 -20.03 21.86
CA ILE B 44 -20.58 -20.39 20.83
C ILE B 44 -21.21 -19.14 20.24
N ARG B 45 -21.60 -18.18 21.08
CA ARG B 45 -22.22 -16.96 20.57
C ARG B 45 -21.21 -16.03 19.91
N GLN B 46 -19.95 -16.06 20.34
CA GLN B 46 -19.00 -15.04 19.95
C GLN B 46 -18.01 -15.48 18.88
N GLY B 47 -17.72 -16.78 18.77
CA GLY B 47 -16.79 -17.22 17.75
C GLY B 47 -15.41 -16.62 17.94
N THR B 48 -14.86 -16.06 16.85
CA THR B 48 -13.53 -15.45 16.93
C THR B 48 -13.54 -14.11 17.65
N ASP B 49 -14.71 -13.56 17.98
CA ASP B 49 -14.79 -12.37 18.82
C ASP B 49 -14.65 -12.70 20.30
N TYR B 50 -14.61 -13.98 20.65
CA TYR B 50 -14.43 -14.40 22.03
C TYR B 50 -13.15 -13.81 22.60
N LYS B 51 -13.22 -13.37 23.86
CA LYS B 51 -12.11 -12.64 24.47
C LYS B 51 -10.82 -13.45 24.43
N HIS B 52 -10.90 -14.76 24.65
CA HIS B 52 -9.72 -15.62 24.71
C HIS B 52 -9.54 -16.45 23.44
N TRP B 53 -10.12 -16.02 22.31
CA TRP B 53 -9.94 -16.77 21.08
C TRP B 53 -8.48 -16.91 20.66
N PRO B 54 -7.62 -15.88 20.74
CA PRO B 54 -6.22 -16.10 20.37
C PRO B 54 -5.54 -17.21 21.15
N GLN B 55 -5.88 -17.37 22.44
CA GLN B 55 -5.28 -18.44 23.23
C GLN B 55 -5.84 -19.81 22.87
N ILE B 56 -7.02 -19.87 22.26
CA ILE B 56 -7.52 -21.13 21.73
C ILE B 56 -6.93 -21.40 20.36
N ALA B 57 -6.91 -20.38 19.50
CA ALA B 57 -6.45 -20.54 18.13
C ALA B 57 -4.97 -20.89 18.03
N GLN B 58 -4.19 -20.65 19.10
CA GLN B 58 -2.80 -21.05 19.09
C GLN B 58 -2.62 -22.56 18.95
N PHE B 59 -3.66 -23.34 19.26
CA PHE B 59 -3.60 -24.78 19.13
C PHE B 59 -4.14 -25.29 17.81
N ALA B 60 -4.77 -24.44 17.01
CA ALA B 60 -5.30 -24.84 15.72
C ALA B 60 -4.16 -24.97 14.70
N PRO B 61 -4.15 -26.03 13.90
CA PRO B 61 -3.05 -26.22 12.95
C PRO B 61 -3.20 -25.38 11.70
N SER B 62 -2.06 -24.97 11.16
CA SER B 62 -2.06 -24.40 9.82
C SER B 62 -2.48 -25.48 8.81
N ALA B 63 -2.74 -25.03 7.58
CA ALA B 63 -3.10 -25.98 6.53
C ALA B 63 -2.00 -27.01 6.33
N SER B 64 -0.75 -26.57 6.34
CA SER B 64 0.37 -27.49 6.17
C SER B 64 0.50 -28.44 7.36
N ALA B 65 0.32 -27.92 8.58
CA ALA B 65 0.42 -28.77 9.77
C ALA B 65 -0.74 -29.73 9.87
N PHE B 66 -1.93 -29.29 9.45
CA PHE B 66 -3.11 -30.17 9.46
C PHE B 66 -2.85 -31.43 8.66
N PHE B 67 -2.33 -31.29 7.44
CA PHE B 67 -2.00 -32.44 6.63
C PHE B 67 -0.62 -33.02 6.95
N GLY B 68 0.18 -32.33 7.75
CA GLY B 68 1.49 -32.82 8.10
C GLY B 68 1.49 -33.70 9.35
N MET B 69 0.69 -33.32 10.35
CA MET B 69 0.64 -34.04 11.62
C MET B 69 -0.41 -35.13 11.64
N SER B 70 -1.58 -34.86 11.06
CA SER B 70 -2.74 -35.71 11.30
C SER B 70 -2.62 -37.04 10.58
N ARG B 71 -3.44 -37.99 11.02
CA ARG B 71 -3.67 -39.23 10.29
C ARG B 71 -4.86 -38.99 9.37
N ILE B 72 -4.62 -38.98 8.07
CA ILE B 72 -5.62 -38.61 7.08
C ILE B 72 -6.16 -39.87 6.43
N GLY B 73 -7.49 -39.94 6.31
CA GLY B 73 -8.14 -41.04 5.63
C GLY B 73 -9.38 -40.55 4.90
N MET B 74 -10.01 -41.47 4.18
CA MET B 74 -11.22 -41.17 3.42
C MET B 74 -12.24 -42.27 3.64
N GLU B 75 -13.43 -41.90 4.11
CA GLU B 75 -14.55 -42.80 4.29
C GLU B 75 -15.59 -42.54 3.20
N VAL B 76 -16.24 -43.61 2.74
CA VAL B 76 -17.31 -43.53 1.75
C VAL B 76 -18.52 -44.24 2.33
N THR B 77 -19.57 -43.46 2.61
CA THR B 77 -20.81 -43.99 3.17
C THR B 77 -21.97 -43.67 2.24
N PRO B 78 -23.17 -44.23 2.46
CA PRO B 78 -24.32 -43.80 1.65
C PRO B 78 -24.58 -42.31 1.68
N SER B 79 -24.15 -41.61 2.73
CA SER B 79 -24.36 -40.17 2.81
C SER B 79 -23.40 -39.38 1.96
N GLY B 80 -22.24 -39.92 1.64
CA GLY B 80 -21.27 -39.24 0.81
C GLY B 80 -19.86 -39.74 1.10
N THR B 81 -18.88 -38.90 0.75
CA THR B 81 -17.47 -39.19 0.93
C THR B 81 -16.88 -38.16 1.89
N TRP B 82 -16.04 -38.64 2.82
CA TRP B 82 -15.51 -37.80 3.89
C TRP B 82 -14.00 -37.92 3.94
N LEU B 83 -13.34 -36.81 4.22
CA LEU B 83 -11.92 -36.78 4.54
C LEU B 83 -11.79 -36.75 6.06
N THR B 84 -11.40 -37.87 6.66
CA THR B 84 -11.29 -37.97 8.10
C THR B 84 -9.89 -37.54 8.55
N TYR B 85 -9.81 -37.05 9.78
CA TYR B 85 -8.54 -36.61 10.34
C TYR B 85 -8.54 -36.87 11.83
N THR B 86 -7.41 -37.36 12.34
CA THR B 86 -7.19 -37.51 13.77
C THR B 86 -5.77 -37.04 14.10
N GLY B 87 -5.59 -36.59 15.32
CA GLY B 87 -4.27 -36.13 15.71
C GLY B 87 -4.27 -35.66 17.16
N ALA B 88 -3.09 -35.25 17.60
CA ALA B 88 -2.89 -34.81 18.97
C ALA B 88 -1.80 -33.75 18.98
N ILE B 89 -2.01 -32.72 19.79
CA ILE B 89 -1.07 -31.61 19.93
C ILE B 89 -0.60 -31.59 21.38
N LYS B 90 0.71 -31.73 21.57
CA LYS B 90 1.28 -31.76 22.91
C LYS B 90 1.34 -30.35 23.48
N LEU B 91 0.91 -30.21 24.74
CA LEU B 91 1.06 -28.95 25.44
C LEU B 91 2.38 -28.96 26.21
N ASP B 92 2.96 -27.77 26.37
CA ASP B 92 4.21 -27.61 27.12
C ASP B 92 3.86 -27.38 28.57
N ASP B 93 4.01 -28.42 29.40
CA ASP B 93 3.65 -28.30 30.81
C ASP B 93 4.64 -27.45 31.60
N LYS B 94 5.76 -27.07 31.00
CA LYS B 94 6.68 -26.13 31.62
C LYS B 94 6.41 -24.68 31.24
N ASP B 95 5.55 -24.45 30.25
CA ASP B 95 5.19 -23.09 29.89
C ASP B 95 4.45 -22.42 31.04
N PRO B 96 4.81 -21.20 31.43
CA PRO B 96 4.12 -20.51 32.53
C PRO B 96 2.61 -20.38 32.31
N ASN B 97 2.18 -20.47 31.05
CA ASN B 97 0.77 -20.37 30.70
C ASN B 97 0.06 -21.72 30.68
N PHE B 98 0.76 -22.82 30.99
CA PHE B 98 0.20 -24.16 30.83
C PHE B 98 -1.05 -24.34 31.69
N LYS B 99 -1.00 -23.92 32.95
CA LYS B 99 -2.15 -24.08 33.84
C LYS B 99 -3.36 -23.34 33.30
N ASP B 100 -3.16 -22.11 32.80
CA ASP B 100 -4.27 -21.37 32.22
C ASP B 100 -4.77 -22.01 30.94
N GLN B 101 -3.87 -22.59 30.14
CA GLN B 101 -4.28 -23.24 28.91
C GLN B 101 -5.19 -24.43 29.18
N VAL B 102 -4.86 -25.23 30.19
CA VAL B 102 -5.67 -26.41 30.50
C VAL B 102 -7.05 -26.00 31.00
N ILE B 103 -7.11 -24.97 31.84
CA ILE B 103 -8.39 -24.52 32.38
C ILE B 103 -9.28 -23.99 31.26
N LEU B 104 -8.71 -23.18 30.37
CA LEU B 104 -9.49 -22.61 29.27
C LEU B 104 -9.99 -23.70 28.33
N LEU B 105 -9.14 -24.69 28.02
CA LEU B 105 -9.54 -25.75 27.11
C LEU B 105 -10.61 -26.65 27.72
N ASN B 106 -10.46 -27.00 29.00
CA ASN B 106 -11.46 -27.82 29.67
C ASN B 106 -12.79 -27.08 29.86
N LYS B 107 -12.75 -25.75 29.88
CA LYS B 107 -13.99 -24.98 29.99
C LYS B 107 -14.88 -25.15 28.77
N HIS B 108 -14.31 -25.50 27.62
CA HIS B 108 -15.06 -25.59 26.38
C HIS B 108 -15.26 -27.02 25.88
N ILE B 109 -14.42 -27.96 26.28
CA ILE B 109 -14.58 -29.35 25.86
C ILE B 109 -15.84 -29.92 26.49
N ASP B 110 -16.81 -30.29 25.66
CA ASP B 110 -18.08 -30.85 26.11
C ASP B 110 -18.82 -29.90 27.05
N ALA B 111 -18.68 -28.59 26.83
CA ALA B 111 -19.38 -27.63 27.68
C ALA B 111 -20.89 -27.70 27.48
N TYR B 112 -21.34 -28.18 26.32
CA TYR B 112 -22.77 -28.27 26.03
C TYR B 112 -23.48 -29.28 26.93
N LYS B 113 -22.75 -30.24 27.50
CA LYS B 113 -23.37 -31.23 28.38
C LYS B 113 -24.05 -30.57 29.58
N THR B 114 -23.52 -29.45 30.04
CA THR B 114 -24.08 -28.73 31.18
C THR B 114 -24.96 -27.55 30.77
N PHE B 115 -25.35 -27.48 29.50
CA PHE B 115 -26.23 -26.41 29.05
C PHE B 115 -27.63 -26.64 29.59
N PRO B 116 -28.29 -25.58 30.11
CA PRO B 116 -29.66 -25.66 30.62
C PRO B 116 -30.64 -26.19 29.56
N GLU C 1 -10.41 -25.07 -29.49
CA GLU C 1 -10.26 -24.22 -28.31
C GLU C 1 -11.57 -23.55 -27.93
N VAL C 2 -11.70 -23.19 -26.65
CA VAL C 2 -12.88 -22.48 -26.18
C VAL C 2 -12.77 -21.02 -26.58
N GLN C 3 -13.87 -20.42 -27.01
CA GLN C 3 -13.80 -19.12 -27.64
C GLN C 3 -15.15 -18.40 -27.53
N LEU C 4 -15.09 -17.11 -27.22
CA LEU C 4 -16.24 -16.22 -27.27
C LEU C 4 -15.90 -15.06 -28.19
N LEU C 5 -16.77 -14.78 -29.15
CA LEU C 5 -16.51 -13.77 -30.17
C LEU C 5 -17.67 -12.79 -30.17
N GLU C 6 -17.43 -11.58 -29.66
CA GLU C 6 -18.45 -10.55 -29.61
C GLU C 6 -18.49 -9.76 -30.92
N SER C 7 -19.64 -9.14 -31.17
CA SER C 7 -19.82 -8.26 -32.31
C SER C 7 -21.04 -7.39 -32.06
N GLY C 8 -21.20 -6.37 -32.91
CA GLY C 8 -22.34 -5.48 -32.83
C GLY C 8 -22.06 -4.14 -32.21
N GLY C 9 -20.86 -3.93 -31.67
CA GLY C 9 -20.53 -2.63 -31.12
C GLY C 9 -20.48 -1.55 -32.18
N GLY C 10 -20.59 -0.31 -31.73
CA GLY C 10 -20.54 0.81 -32.66
C GLY C 10 -20.87 2.10 -31.95
N LEU C 11 -21.12 3.12 -32.76
CA LEU C 11 -21.41 4.46 -32.28
C LEU C 11 -22.92 4.72 -32.37
N VAL C 12 -23.49 5.24 -31.28
CA VAL C 12 -24.92 5.49 -31.18
C VAL C 12 -25.15 6.77 -30.38
N GLN C 13 -26.31 7.38 -30.60
CA GLN C 13 -26.63 8.60 -29.85
C GLN C 13 -27.39 8.25 -28.57
N PRO C 14 -27.31 9.11 -27.56
CA PRO C 14 -28.09 8.89 -26.33
C PRO C 14 -29.57 8.70 -26.64
N GLY C 15 -30.19 7.76 -25.95
CA GLY C 15 -31.55 7.36 -26.25
C GLY C 15 -31.68 6.36 -27.38
N GLY C 16 -30.61 6.08 -28.10
CA GLY C 16 -30.64 5.11 -29.18
C GLY C 16 -30.63 3.69 -28.66
N SER C 17 -30.52 2.76 -29.60
CA SER C 17 -30.52 1.34 -29.28
C SER C 17 -29.44 0.63 -30.09
N LEU C 18 -29.06 -0.55 -29.61
CA LEU C 18 -27.98 -1.32 -30.20
C LEU C 18 -28.07 -2.75 -29.68
N ARG C 19 -27.74 -3.72 -30.52
CA ARG C 19 -27.82 -5.14 -30.17
C ARG C 19 -26.45 -5.77 -30.31
N LEU C 20 -25.93 -6.32 -29.22
CA LEU C 20 -24.67 -7.04 -29.21
C LEU C 20 -24.93 -8.54 -29.32
N SER C 21 -23.95 -9.25 -29.87
CA SER C 21 -24.04 -10.70 -29.99
C SER C 21 -22.68 -11.32 -29.69
N CYS C 22 -22.72 -12.48 -29.05
CA CYS C 22 -21.52 -13.22 -28.66
C CYS C 22 -21.66 -14.67 -29.09
N ALA C 23 -20.79 -15.12 -29.99
CA ALA C 23 -20.82 -16.47 -30.52
C ALA C 23 -19.86 -17.35 -29.73
N ALA C 24 -20.37 -18.45 -29.18
CA ALA C 24 -19.59 -19.34 -28.35
C ALA C 24 -19.21 -20.61 -29.11
N SER C 25 -18.07 -21.19 -28.72
CA SER C 25 -17.59 -22.44 -29.28
C SER C 25 -16.55 -23.04 -28.36
N GLY C 26 -16.39 -24.36 -28.45
CA GLY C 26 -15.40 -25.07 -27.68
C GLY C 26 -15.90 -25.64 -26.36
N PHE C 27 -17.11 -25.29 -25.94
CA PHE C 27 -17.67 -25.83 -24.71
C PHE C 27 -19.17 -25.95 -24.88
N THR C 28 -19.80 -26.70 -23.96
CA THR C 28 -21.25 -26.94 -24.01
C THR C 28 -21.96 -25.68 -23.49
N PHE C 29 -22.07 -24.71 -24.38
CA PHE C 29 -22.72 -23.42 -24.13
C PHE C 29 -24.06 -23.57 -23.42
N SER C 30 -24.85 -24.57 -23.81
CA SER C 30 -26.19 -24.74 -23.27
C SER C 30 -26.21 -25.16 -21.81
N SER C 31 -25.09 -25.61 -21.25
CA SER C 31 -25.05 -26.01 -19.85
C SER C 31 -24.60 -24.89 -18.92
N TYR C 32 -24.23 -23.73 -19.45
CA TYR C 32 -23.61 -22.67 -18.68
C TYR C 32 -24.48 -21.41 -18.68
N ALA C 33 -24.54 -20.75 -17.52
CA ALA C 33 -24.99 -19.37 -17.51
C ALA C 33 -23.97 -18.51 -18.24
N MET C 34 -24.45 -17.41 -18.81
CA MET C 34 -23.60 -16.48 -19.54
C MET C 34 -23.85 -15.07 -19.02
N SER C 35 -22.77 -14.29 -18.95
CA SER C 35 -22.85 -12.94 -18.40
C SER C 35 -22.24 -11.94 -19.37
N TRP C 36 -22.76 -10.72 -19.33
CA TRP C 36 -22.14 -9.58 -19.97
C TRP C 36 -21.46 -8.73 -18.89
N VAL C 37 -20.21 -8.35 -19.16
CA VAL C 37 -19.43 -7.50 -18.27
C VAL C 37 -18.88 -6.35 -19.09
N ARG C 38 -19.01 -5.14 -18.58
CA ARG C 38 -18.58 -3.96 -19.32
C ARG C 38 -17.52 -3.19 -18.56
N GLN C 39 -16.81 -2.32 -19.28
CA GLN C 39 -15.72 -1.54 -18.70
C GLN C 39 -15.70 -0.20 -19.42
N ALA C 40 -16.14 0.86 -18.74
CA ALA C 40 -16.03 2.20 -19.29
C ALA C 40 -14.55 2.57 -19.46
N PRO C 41 -14.25 3.50 -20.37
CA PRO C 41 -12.84 3.86 -20.61
C PRO C 41 -12.16 4.31 -19.34
N GLY C 42 -11.06 3.63 -19.00
CA GLY C 42 -10.30 3.97 -17.82
C GLY C 42 -10.95 3.62 -16.49
N LYS C 43 -12.04 2.85 -16.50
CA LYS C 43 -12.73 2.50 -15.27
C LYS C 43 -12.60 1.00 -15.03
N GLY C 44 -13.33 0.52 -14.01
CA GLY C 44 -13.24 -0.87 -13.64
C GLY C 44 -14.27 -1.74 -14.33
N LEU C 45 -14.14 -3.05 -14.11
CA LEU C 45 -15.11 -3.99 -14.64
C LEU C 45 -16.43 -3.87 -13.90
N GLU C 46 -17.53 -3.99 -14.62
CA GLU C 46 -18.86 -3.93 -14.04
C GLU C 46 -19.71 -5.03 -14.66
N TRP C 47 -20.08 -6.02 -13.86
CA TRP C 47 -21.06 -7.00 -14.30
C TRP C 47 -22.40 -6.31 -14.52
N VAL C 48 -23.08 -6.66 -15.62
CA VAL C 48 -24.31 -5.95 -15.97
C VAL C 48 -25.50 -6.90 -16.13
N SER C 49 -25.26 -8.14 -16.56
CA SER C 49 -26.39 -9.03 -16.82
C SER C 49 -25.95 -10.47 -16.87
N VAL C 50 -26.86 -11.36 -16.51
CA VAL C 50 -26.65 -12.80 -16.61
C VAL C 50 -27.93 -13.44 -17.15
N ILE C 51 -27.78 -14.51 -17.90
CA ILE C 51 -28.89 -15.35 -18.33
C ILE C 51 -28.53 -16.80 -18.00
N TYR C 52 -29.47 -17.52 -17.41
CA TYR C 52 -29.18 -18.87 -16.97
C TYR C 52 -29.18 -19.82 -18.18
N SER C 53 -28.77 -21.06 -17.93
CA SER C 53 -28.43 -21.97 -19.01
C SER C 53 -29.61 -22.19 -19.97
N GLY C 54 -30.82 -22.33 -19.43
CA GLY C 54 -31.98 -22.52 -20.26
C GLY C 54 -32.54 -21.28 -20.91
N GLY C 55 -32.00 -20.10 -20.60
CA GLY C 55 -32.50 -18.87 -21.15
C GLY C 55 -33.79 -18.36 -20.54
N SER C 56 -34.28 -19.01 -19.48
CA SER C 56 -35.55 -18.64 -18.88
C SER C 56 -35.41 -17.60 -17.77
N SER C 57 -34.28 -17.58 -17.07
CA SER C 57 -34.06 -16.68 -15.95
C SER C 57 -32.96 -15.67 -16.28
N THR C 58 -33.19 -14.42 -15.92
CA THR C 58 -32.25 -13.33 -16.20
C THR C 58 -32.17 -12.40 -15.01
N TYR C 59 -30.97 -11.83 -14.81
CA TYR C 59 -30.76 -10.84 -13.76
C TYR C 59 -29.91 -9.70 -14.31
N TYR C 60 -30.14 -8.50 -13.77
CA TYR C 60 -29.51 -7.30 -14.28
C TYR C 60 -28.97 -6.46 -13.13
N ALA C 61 -27.85 -5.80 -13.38
CA ALA C 61 -27.39 -4.77 -12.45
C ALA C 61 -28.36 -3.59 -12.47
N ASP C 62 -28.41 -2.87 -11.35
CA ASP C 62 -29.34 -1.75 -11.23
C ASP C 62 -29.10 -0.69 -12.32
N SER C 63 -27.87 -0.59 -12.81
CA SER C 63 -27.53 0.47 -13.76
C SER C 63 -28.08 0.22 -15.16
N VAL C 64 -28.46 -1.01 -15.48
CA VAL C 64 -28.99 -1.34 -16.80
C VAL C 64 -30.36 -1.99 -16.74
N LYS C 65 -30.91 -2.23 -15.54
CA LYS C 65 -32.23 -2.80 -15.41
C LYS C 65 -33.26 -1.91 -16.12
N GLY C 66 -34.17 -2.54 -16.85
CA GLY C 66 -35.19 -1.82 -17.58
C GLY C 66 -34.76 -1.28 -18.93
N ARG C 67 -33.47 -1.29 -19.24
CA ARG C 67 -32.97 -0.78 -20.51
C ARG C 67 -32.28 -1.85 -21.35
N PHE C 68 -31.59 -2.77 -20.73
CA PHE C 68 -30.91 -3.85 -21.44
C PHE C 68 -31.71 -5.14 -21.28
N THR C 69 -31.70 -5.95 -22.33
CA THR C 69 -32.32 -7.27 -22.30
C THR C 69 -31.31 -8.29 -22.79
N ILE C 70 -31.02 -9.27 -21.95
CA ILE C 70 -30.12 -10.36 -22.30
C ILE C 70 -30.95 -11.55 -22.77
N SER C 71 -30.47 -12.23 -23.81
CA SER C 71 -31.14 -13.42 -24.31
C SER C 71 -30.09 -14.33 -24.94
N ARG C 72 -30.48 -15.58 -25.17
CA ARG C 72 -29.58 -16.55 -25.76
C ARG C 72 -30.35 -17.44 -26.73
N ASP C 73 -29.63 -17.94 -27.72
CA ASP C 73 -30.15 -18.91 -28.68
C ASP C 73 -29.23 -20.12 -28.63
N ASN C 74 -29.61 -21.12 -27.84
CA ASN C 74 -28.77 -22.29 -27.68
C ASN C 74 -28.67 -23.12 -28.95
N SER C 75 -29.64 -22.99 -29.86
CA SER C 75 -29.51 -23.62 -31.17
C SER C 75 -28.48 -22.93 -32.05
N LYS C 76 -28.02 -21.74 -31.67
CA LYS C 76 -26.95 -21.04 -32.38
C LYS C 76 -25.69 -20.87 -31.55
N ASN C 77 -25.69 -21.32 -30.30
CA ASN C 77 -24.57 -21.09 -29.37
C ASN C 77 -24.23 -19.61 -29.28
N THR C 78 -25.26 -18.76 -29.28
CA THR C 78 -25.07 -17.32 -29.35
C THR C 78 -25.77 -16.64 -28.19
N LEU C 79 -25.07 -15.66 -27.61
CA LEU C 79 -25.59 -14.80 -26.56
C LEU C 79 -25.87 -13.42 -27.13
N TYR C 80 -26.91 -12.76 -26.63
CA TYR C 80 -27.30 -11.45 -27.11
C TYR C 80 -27.49 -10.48 -25.95
N LEU C 81 -27.27 -9.20 -26.24
CA LEU C 81 -27.58 -8.12 -25.31
C LEU C 81 -28.25 -7.01 -26.11
N GLN C 82 -29.56 -6.88 -25.95
CA GLN C 82 -30.32 -5.81 -26.56
C GLN C 82 -30.27 -4.59 -25.64
N MET C 83 -29.68 -3.51 -26.14
CA MET C 83 -29.45 -2.30 -25.35
C MET C 83 -30.37 -1.20 -25.87
N ASN C 84 -31.34 -0.80 -25.05
CA ASN C 84 -32.23 0.30 -25.34
C ASN C 84 -31.99 1.45 -24.37
N SER C 85 -32.56 2.60 -24.69
CA SER C 85 -32.50 3.80 -23.85
C SER C 85 -31.05 4.10 -23.44
N LEU C 86 -30.16 4.06 -24.43
CA LEU C 86 -28.74 4.19 -24.16
C LEU C 86 -28.40 5.58 -23.64
N ARG C 87 -27.45 5.64 -22.71
CA ARG C 87 -26.96 6.87 -22.14
C ARG C 87 -25.46 6.98 -22.38
N ALA C 88 -24.94 8.20 -22.19
CA ALA C 88 -23.50 8.44 -22.36
C ALA C 88 -22.68 7.52 -21.48
N GLU C 89 -23.14 7.29 -20.25
CA GLU C 89 -22.43 6.43 -19.30
C GLU C 89 -22.43 4.96 -19.70
N ASP C 90 -23.18 4.57 -20.73
CA ASP C 90 -23.10 3.21 -21.24
C ASP C 90 -21.92 3.00 -22.17
N THR C 91 -21.21 4.08 -22.54
CA THR C 91 -19.99 3.96 -23.33
C THR C 91 -18.98 3.07 -22.61
N ALA C 92 -18.65 1.94 -23.22
CA ALA C 92 -17.77 0.97 -22.60
C ALA C 92 -17.40 -0.10 -23.62
N VAL C 93 -16.40 -0.90 -23.24
CA VAL C 93 -16.13 -2.18 -23.89
C VAL C 93 -16.99 -3.23 -23.20
N TYR C 94 -17.74 -3.99 -23.98
CA TYR C 94 -18.67 -4.98 -23.44
C TYR C 94 -18.10 -6.37 -23.68
N TYR C 95 -17.95 -7.13 -22.58
CA TYR C 95 -17.35 -8.45 -22.62
C TYR C 95 -18.40 -9.53 -22.42
N CYS C 96 -18.27 -10.60 -23.20
CA CYS C 96 -19.02 -11.82 -23.02
C CYS C 96 -18.21 -12.78 -22.16
N ALA C 97 -18.85 -13.39 -21.17
CA ALA C 97 -18.11 -14.22 -20.20
C ALA C 97 -18.92 -15.45 -19.82
N LYS C 98 -18.24 -16.58 -19.73
CA LYS C 98 -18.88 -17.81 -19.26
C LYS C 98 -19.09 -17.73 -17.75
N ASP C 99 -20.33 -18.00 -17.32
CA ASP C 99 -20.66 -17.97 -15.90
C ASP C 99 -20.76 -19.40 -15.36
N HIS C 100 -21.48 -19.57 -14.26
CA HIS C 100 -21.44 -20.84 -13.55
C HIS C 100 -22.13 -21.95 -14.34
N LEU C 101 -21.62 -23.16 -14.15
CA LEU C 101 -22.24 -24.35 -14.71
C LEU C 101 -23.46 -24.74 -13.90
N GLU C 102 -24.51 -25.19 -14.59
CA GLU C 102 -25.72 -25.68 -13.94
C GLU C 102 -25.87 -27.17 -14.20
N LEU C 103 -25.99 -27.95 -13.13
CA LEU C 103 -26.21 -29.40 -13.22
C LEU C 103 -27.55 -29.73 -12.58
N SER C 104 -28.35 -30.53 -13.28
CA SER C 104 -29.68 -30.90 -12.80
C SER C 104 -29.58 -32.18 -11.98
N ALA C 105 -29.70 -32.04 -10.67
CA ALA C 105 -29.84 -33.19 -9.78
C ALA C 105 -31.33 -33.44 -9.51
N GLN C 109 -33.62 -30.20 -7.68
CA GLN C 109 -32.58 -29.26 -7.31
C GLN C 109 -31.56 -29.09 -8.43
N ILE C 110 -31.37 -27.85 -8.87
CA ILE C 110 -30.30 -27.48 -9.79
C ILE C 110 -29.13 -26.96 -8.98
N ASN C 111 -27.94 -27.47 -9.26
CA ASN C 111 -26.73 -27.05 -8.56
C ASN C 111 -25.89 -26.19 -9.48
N TYR C 112 -25.21 -25.20 -8.88
CA TYR C 112 -24.42 -24.23 -9.62
C TYR C 112 -22.96 -24.37 -9.21
N TYR C 113 -22.09 -24.51 -10.20
CA TYR C 113 -20.66 -24.70 -9.95
C TYR C 113 -19.87 -23.63 -10.68
N TYR C 114 -18.92 -23.02 -9.96
CA TYR C 114 -18.24 -21.81 -10.42
C TYR C 114 -16.77 -21.88 -10.02
N TYR C 115 -15.88 -21.68 -10.98
CA TYR C 115 -14.45 -21.66 -10.75
C TYR C 115 -13.84 -20.39 -11.33
N GLY C 116 -14.57 -19.28 -11.20
CA GLY C 116 -14.16 -18.04 -11.79
C GLY C 116 -14.53 -17.95 -13.27
N MET C 117 -14.55 -16.72 -13.77
CA MET C 117 -14.78 -16.44 -15.18
C MET C 117 -13.46 -16.65 -15.91
N ASP C 118 -13.20 -17.89 -16.31
CA ASP C 118 -11.96 -18.24 -16.98
C ASP C 118 -12.02 -18.05 -18.50
N VAL C 119 -13.20 -17.81 -19.06
CA VAL C 119 -13.37 -17.66 -20.51
C VAL C 119 -14.02 -16.32 -20.78
N TRP C 120 -13.31 -15.45 -21.49
CA TRP C 120 -13.79 -14.13 -21.86
C TRP C 120 -13.69 -13.97 -23.37
N GLY C 121 -14.62 -13.20 -23.93
CA GLY C 121 -14.44 -12.70 -25.28
C GLY C 121 -13.47 -11.54 -25.30
N GLN C 122 -13.04 -11.15 -26.50
CA GLN C 122 -12.12 -10.03 -26.60
C GLN C 122 -12.83 -8.68 -26.51
N GLY C 123 -14.15 -8.66 -26.46
CA GLY C 123 -14.89 -7.45 -26.20
C GLY C 123 -15.26 -6.70 -27.47
N THR C 124 -16.35 -5.96 -27.39
CA THR C 124 -16.80 -5.09 -28.47
C THR C 124 -17.10 -3.71 -27.90
N THR C 125 -16.67 -2.67 -28.61
CA THR C 125 -16.70 -1.31 -28.09
C THR C 125 -18.01 -0.63 -28.46
N VAL C 126 -18.64 0.01 -27.47
CA VAL C 126 -19.87 0.77 -27.66
C VAL C 126 -19.61 2.21 -27.23
N THR C 127 -19.88 3.15 -28.12
CA THR C 127 -19.74 4.57 -27.83
C THR C 127 -21.10 5.23 -27.95
N VAL C 128 -21.56 5.84 -26.86
CA VAL C 128 -22.81 6.59 -26.85
C VAL C 128 -22.45 8.06 -26.70
N SER C 129 -22.63 8.84 -27.77
CA SER C 129 -22.28 10.25 -27.76
C SER C 129 -23.25 11.03 -28.63
N SER C 130 -23.66 12.20 -28.15
CA SER C 130 -24.53 13.09 -28.91
C SER C 130 -23.77 13.92 -29.93
N ALA C 131 -22.44 13.90 -29.90
CA ALA C 131 -21.64 14.70 -30.82
C ALA C 131 -21.88 14.28 -32.27
N SER C 132 -21.75 15.24 -33.17
CA SER C 132 -21.94 14.99 -34.60
C SER C 132 -20.60 14.76 -35.27
N THR C 133 -20.63 13.94 -36.32
CA THR C 133 -19.44 13.70 -37.13
C THR C 133 -18.91 15.02 -37.69
N LYS C 134 -17.61 15.23 -37.55
CA LYS C 134 -17.01 16.49 -38.01
C LYS C 134 -15.55 16.26 -38.38
N GLY C 135 -15.15 16.77 -39.54
CA GLY C 135 -13.77 16.76 -39.94
C GLY C 135 -12.94 17.67 -39.06
N PRO C 136 -11.65 17.40 -38.96
CA PRO C 136 -10.79 18.18 -38.06
C PRO C 136 -10.20 19.43 -38.72
N SER C 137 -9.83 20.37 -37.87
CA SER C 137 -9.07 21.54 -38.28
CA SER C 137 -9.07 21.54 -38.28
C SER C 137 -7.60 21.28 -37.98
N VAL C 138 -6.76 21.36 -39.00
CA VAL C 138 -5.32 21.10 -38.86
C VAL C 138 -4.59 22.43 -38.78
N PHE C 139 -3.64 22.53 -37.86
CA PHE C 139 -2.86 23.73 -37.70
C PHE C 139 -1.39 23.38 -37.58
N PRO C 140 -0.50 24.15 -38.19
CA PRO C 140 0.92 23.85 -38.11
C PRO C 140 1.54 24.34 -36.82
N LEU C 141 2.34 23.46 -36.20
CA LEU C 141 3.09 23.79 -34.99
C LEU C 141 4.52 24.09 -35.43
N ALA C 142 4.77 25.34 -35.78
CA ALA C 142 6.03 25.73 -36.38
C ALA C 142 7.19 25.50 -35.41
N PRO C 143 8.34 25.05 -35.91
CA PRO C 143 9.48 24.79 -35.02
C PRO C 143 10.02 26.07 -34.41
N SER C 144 10.16 26.07 -33.09
CA SER C 144 10.63 27.23 -32.35
C SER C 144 12.14 27.15 -32.15
N SER C 145 12.85 28.18 -32.58
CA SER C 145 14.30 28.24 -32.45
C SER C 145 14.72 28.28 -30.98
N GLY C 150 20.61 19.28 -28.88
CA GLY C 150 21.33 20.51 -29.18
C GLY C 150 21.16 20.99 -30.61
N GLY C 151 21.01 20.04 -31.53
CA GLY C 151 20.86 20.38 -32.93
C GLY C 151 19.56 19.86 -33.52
N THR C 152 18.57 19.70 -32.66
CA THR C 152 17.28 19.14 -33.05
C THR C 152 16.20 20.19 -32.91
N ALA C 153 15.24 20.16 -33.84
CA ALA C 153 14.08 21.04 -33.82
C ALA C 153 12.81 20.19 -33.85
N ALA C 154 11.80 20.61 -33.11
CA ALA C 154 10.51 19.93 -33.05
C ALA C 154 9.48 20.73 -33.82
N LEU C 155 8.89 20.11 -34.84
CA LEU C 155 7.80 20.69 -35.60
C LEU C 155 6.65 19.70 -35.63
N GLY C 156 5.43 20.23 -35.77
CA GLY C 156 4.28 19.34 -35.64
C GLY C 156 3.02 19.89 -36.27
N CYS C 157 1.95 19.11 -36.10
CA CYS C 157 0.62 19.44 -36.59
C CYS C 157 -0.39 19.26 -35.46
N LEU C 158 -1.33 20.19 -35.35
CA LEU C 158 -2.42 20.10 -34.39
C LEU C 158 -3.68 19.72 -35.14
N VAL C 159 -4.21 18.54 -34.86
CA VAL C 159 -5.44 18.04 -35.47
C VAL C 159 -6.54 18.19 -34.43
N LYS C 160 -7.41 19.18 -34.62
CA LYS C 160 -8.27 19.66 -33.54
C LYS C 160 -9.73 19.60 -33.93
N ASP C 161 -10.56 19.20 -32.96
CA ASP C 161 -12.02 19.25 -33.03
C ASP C 161 -12.56 18.37 -34.17
N TYR C 162 -12.37 17.07 -33.99
CA TYR C 162 -12.95 16.09 -34.90
C TYR C 162 -13.76 15.07 -34.10
N PHE C 163 -14.65 14.37 -34.81
CA PHE C 163 -15.45 13.31 -34.21
C PHE C 163 -15.96 12.40 -35.31
N PRO C 164 -15.95 11.08 -35.12
CA PRO C 164 -15.37 10.37 -33.98
C PRO C 164 -13.94 9.98 -34.28
N GLU C 165 -13.33 9.16 -33.43
CA GLU C 165 -12.09 8.52 -33.79
C GLU C 165 -12.35 7.52 -34.92
N PRO C 166 -11.31 7.11 -35.66
CA PRO C 166 -9.90 7.51 -35.55
C PRO C 166 -9.47 8.54 -36.59
N VAL C 167 -8.34 9.17 -36.36
CA VAL C 167 -7.65 9.95 -37.37
C VAL C 167 -6.19 9.49 -37.39
N THR C 168 -5.63 9.37 -38.59
CA THR C 168 -4.24 8.96 -38.76
C THR C 168 -3.43 10.13 -39.30
N VAL C 169 -2.18 10.22 -38.85
CA VAL C 169 -1.25 11.25 -39.28
C VAL C 169 -0.01 10.58 -39.83
N SER C 170 0.37 10.95 -41.05
CA SER C 170 1.66 10.60 -41.62
C SER C 170 2.43 11.87 -41.93
N TRP C 171 3.71 11.71 -42.25
CA TRP C 171 4.55 12.83 -42.65
C TRP C 171 5.21 12.49 -43.98
N ASN C 172 5.09 13.41 -44.93
CA ASN C 172 5.65 13.24 -46.27
C ASN C 172 5.16 11.95 -46.92
N SER C 173 3.83 11.75 -46.85
CA SER C 173 3.16 10.58 -47.44
C SER C 173 3.68 9.27 -46.84
N GLY C 174 4.16 9.32 -45.59
CA GLY C 174 4.62 8.14 -44.91
C GLY C 174 6.10 7.81 -45.08
N ALA C 175 6.82 8.56 -45.93
CA ALA C 175 8.24 8.29 -46.12
C ALA C 175 9.05 8.64 -44.88
N LEU C 176 8.59 9.61 -44.11
CA LEU C 176 9.29 10.09 -42.92
C LEU C 176 8.67 9.43 -41.69
N THR C 177 9.44 8.60 -41.00
CA THR C 177 8.95 7.89 -39.82
C THR C 177 9.82 8.08 -38.60
N SER C 178 11.13 8.16 -38.75
CA SER C 178 12.02 8.34 -37.60
C SER C 178 11.81 9.72 -36.98
N GLY C 179 11.70 9.76 -35.66
CA GLY C 179 11.42 10.99 -34.96
C GLY C 179 9.97 11.37 -34.90
N VAL C 180 9.09 10.63 -35.56
CA VAL C 180 7.66 10.94 -35.56
C VAL C 180 7.04 10.42 -34.27
N HIS C 181 6.25 11.27 -33.61
CA HIS C 181 5.54 10.90 -32.39
C HIS C 181 4.15 11.51 -32.47
N THR C 182 3.16 10.68 -32.80
CA THR C 182 1.78 11.10 -32.83
C THR C 182 1.14 10.80 -31.47
N PHE C 183 0.57 11.82 -30.86
CA PHE C 183 0.10 11.60 -29.50
C PHE C 183 -1.35 11.09 -29.50
N PRO C 184 -1.72 10.33 -28.49
CA PRO C 184 -3.13 9.95 -28.34
C PRO C 184 -4.01 11.18 -28.17
N ALA C 185 -5.20 11.12 -28.74
CA ALA C 185 -6.09 12.27 -28.75
C ALA C 185 -6.65 12.52 -27.37
N VAL C 186 -6.94 13.78 -27.10
CA VAL C 186 -7.71 14.17 -25.92
C VAL C 186 -9.17 14.22 -26.32
N LEU C 187 -10.05 13.89 -25.38
CA LEU C 187 -11.49 14.01 -25.58
C LEU C 187 -11.97 15.16 -24.71
N GLN C 188 -12.39 16.25 -25.35
CA GLN C 188 -12.73 17.48 -24.65
C GLN C 188 -14.18 17.45 -24.17
N SER C 189 -14.52 18.46 -23.36
CA SER C 189 -15.87 18.54 -22.81
C SER C 189 -16.91 18.70 -23.91
N SER C 190 -16.53 19.29 -25.04
CA SER C 190 -17.43 19.43 -26.17
C SER C 190 -17.75 18.10 -26.84
N GLY C 191 -17.10 17.02 -26.43
CA GLY C 191 -17.29 15.74 -27.09
C GLY C 191 -16.48 15.54 -28.35
N LEU C 192 -15.59 16.47 -28.67
CA LEU C 192 -14.72 16.36 -29.83
C LEU C 192 -13.30 16.01 -29.41
N TYR C 193 -12.55 15.43 -30.34
CA TYR C 193 -11.17 15.04 -30.08
C TYR C 193 -10.19 16.06 -30.66
N SER C 194 -9.00 16.09 -30.07
CA SER C 194 -7.87 16.84 -30.59
C SER C 194 -6.60 16.07 -30.28
N LEU C 195 -5.74 15.92 -31.28
CA LEU C 195 -4.44 15.29 -31.09
C LEU C 195 -3.35 16.11 -31.76
N SER C 196 -2.11 15.80 -31.40
CA SER C 196 -0.93 16.44 -31.96
C SER C 196 0.05 15.38 -32.43
N SER C 197 0.68 15.64 -33.57
CA SER C 197 1.75 14.82 -34.10
C SER C 197 2.98 15.68 -34.28
N VAL C 198 4.08 15.27 -33.67
CA VAL C 198 5.32 16.03 -33.68
C VAL C 198 6.44 15.16 -34.24
N VAL C 199 7.30 15.76 -35.06
CA VAL C 199 8.50 15.11 -35.56
C VAL C 199 9.70 15.95 -35.17
N THR C 200 10.77 15.29 -34.74
CA THR C 200 12.01 15.95 -34.36
C THR C 200 13.05 15.72 -35.46
N VAL C 201 13.57 16.81 -36.01
CA VAL C 201 14.45 16.75 -37.18
C VAL C 201 15.70 17.55 -36.88
N PRO C 202 16.78 17.31 -37.64
CA PRO C 202 17.97 18.16 -37.52
C PRO C 202 17.64 19.62 -37.80
N SER C 203 18.22 20.50 -37.00
CA SER C 203 17.95 21.93 -37.16
C SER C 203 18.47 22.44 -38.50
N SER C 204 19.60 21.91 -38.96
CA SER C 204 20.18 22.34 -40.23
C SER C 204 19.33 21.93 -41.43
N SER C 205 18.40 20.99 -41.25
CA SER C 205 17.51 20.55 -42.31
C SER C 205 16.34 21.49 -42.53
N LEU C 206 16.15 22.49 -41.67
CA LEU C 206 14.92 23.28 -41.70
C LEU C 206 14.83 24.14 -42.95
N GLY C 207 15.94 24.73 -43.37
CA GLY C 207 15.90 25.63 -44.52
C GLY C 207 15.82 24.94 -45.86
N THR C 208 16.02 23.63 -45.91
CA THR C 208 16.16 22.92 -47.18
C THR C 208 15.13 21.81 -47.40
N GLN C 209 14.69 21.12 -46.35
CA GLN C 209 13.86 19.94 -46.49
C GLN C 209 12.41 20.28 -46.15
N THR C 210 11.48 19.77 -46.96
CA THR C 210 10.06 20.07 -46.81
C THR C 210 9.40 19.05 -45.90
N TYR C 211 8.60 19.53 -44.94
CA TYR C 211 7.91 18.67 -43.99
C TYR C 211 6.41 18.91 -44.12
N ILE C 212 5.69 17.89 -44.57
CA ILE C 212 4.25 17.96 -44.79
C ILE C 212 3.60 16.86 -43.97
N CYS C 213 2.67 17.23 -43.10
CA CYS C 213 1.89 16.26 -42.34
C CYS C 213 0.60 15.97 -43.09
N ASN C 214 0.24 14.69 -43.18
CA ASN C 214 -0.94 14.24 -43.90
C ASN C 214 -1.95 13.73 -42.89
N VAL C 215 -3.11 14.40 -42.83
CA VAL C 215 -4.17 14.07 -41.90
C VAL C 215 -5.31 13.44 -42.68
N ASN C 216 -5.79 12.29 -42.21
CA ASN C 216 -6.92 11.61 -42.83
C ASN C 216 -7.93 11.24 -41.75
N HIS C 217 -9.11 11.83 -41.82
CA HIS C 217 -10.24 11.49 -40.96
C HIS C 217 -11.29 10.82 -41.84
N LYS C 218 -11.21 9.50 -41.94
CA LYS C 218 -12.12 8.76 -42.80
C LYS C 218 -13.60 8.89 -42.42
N PRO C 219 -13.98 8.95 -41.13
CA PRO C 219 -15.42 9.12 -40.83
C PRO C 219 -16.02 10.39 -41.40
N SER C 220 -15.21 11.37 -41.78
CA SER C 220 -15.70 12.57 -42.44
C SER C 220 -15.14 12.73 -43.85
N ASN C 221 -14.44 11.72 -44.36
CA ASN C 221 -13.81 11.76 -45.68
C ASN C 221 -12.87 12.95 -45.82
N THR C 222 -12.24 13.35 -44.72
CA THR C 222 -11.36 14.51 -44.71
C THR C 222 -9.92 14.04 -44.90
N LYS C 223 -9.31 14.47 -46.00
CA LYS C 223 -7.89 14.26 -46.25
C LYS C 223 -7.24 15.63 -46.45
N VAL C 224 -6.16 15.89 -45.72
CA VAL C 224 -5.58 17.23 -45.67
C VAL C 224 -4.06 17.11 -45.55
N ASP C 225 -3.35 17.92 -46.32
CA ASP C 225 -1.91 18.06 -46.21
C ASP C 225 -1.58 19.49 -45.80
N LYS C 226 -0.83 19.65 -44.71
CA LYS C 226 -0.42 20.95 -44.19
C LYS C 226 1.11 21.00 -44.14
N ARG C 227 1.70 21.86 -44.97
CA ARG C 227 3.13 22.10 -44.86
C ARG C 227 3.43 22.79 -43.54
N VAL C 228 4.51 22.36 -42.89
CA VAL C 228 4.95 22.94 -41.63
C VAL C 228 6.33 23.53 -41.88
N GLU C 229 6.38 24.82 -42.15
CA GLU C 229 7.49 25.71 -42.44
C GLU C 229 7.82 26.57 -41.23
N PRO C 230 9.09 26.93 -41.01
CA PRO C 230 9.41 27.87 -39.93
C PRO C 230 8.80 29.24 -40.16
N SER D 1 -26.41 -1.60 -2.34
CA SER D 1 -25.60 -2.48 -3.17
C SER D 1 -24.44 -3.06 -2.38
N TYR D 2 -24.12 -4.33 -2.65
CA TYR D 2 -22.98 -4.97 -2.01
C TYR D 2 -21.69 -4.53 -2.72
N GLU D 3 -20.74 -4.03 -1.95
CA GLU D 3 -19.51 -3.46 -2.50
C GLU D 3 -18.30 -4.25 -2.03
N LEU D 4 -17.32 -4.39 -2.93
CA LEU D 4 -16.00 -4.89 -2.59
C LEU D 4 -15.01 -3.74 -2.71
N THR D 5 -14.09 -3.65 -1.74
CA THR D 5 -13.19 -2.51 -1.63
C THR D 5 -11.74 -2.96 -1.85
N GLN D 6 -11.11 -2.39 -2.88
CA GLN D 6 -9.69 -2.54 -3.15
C GLN D 6 -9.01 -1.19 -3.12
N PRO D 7 -7.72 -1.13 -2.80
CA PRO D 7 -6.97 0.12 -2.93
C PRO D 7 -6.84 0.48 -4.40
N PRO D 8 -6.86 1.77 -4.75
CA PRO D 8 -6.74 2.16 -6.16
C PRO D 8 -5.45 1.72 -6.81
N SER D 9 -4.34 1.68 -6.07
CA SER D 9 -3.07 1.39 -6.69
C SER D 9 -2.09 0.82 -5.66
N VAL D 10 -1.20 -0.04 -6.15
CA VAL D 10 -0.09 -0.58 -5.39
C VAL D 10 1.16 -0.50 -6.26
N SER D 11 2.25 0.00 -5.68
CA SER D 11 3.51 0.14 -6.41
C SER D 11 4.57 -0.73 -5.74
N VAL D 12 5.24 -1.55 -6.54
CA VAL D 12 6.30 -2.44 -6.05
C VAL D 12 7.50 -2.32 -6.97
N SER D 13 8.62 -2.88 -6.52
CA SER D 13 9.81 -3.08 -7.32
C SER D 13 9.96 -4.56 -7.64
N PRO D 14 10.64 -4.91 -8.74
CA PRO D 14 10.75 -6.33 -9.10
C PRO D 14 11.42 -7.13 -7.99
N GLY D 15 10.94 -8.36 -7.80
CA GLY D 15 11.43 -9.23 -6.75
C GLY D 15 10.70 -9.07 -5.43
N GLN D 16 10.16 -7.88 -5.15
CA GLN D 16 9.37 -7.68 -3.96
C GLN D 16 8.07 -8.48 -4.04
N THR D 17 7.36 -8.53 -2.91
CA THR D 17 6.09 -9.24 -2.83
C THR D 17 4.96 -8.23 -2.97
N ALA D 18 4.17 -8.38 -4.03
CA ALA D 18 3.00 -7.55 -4.23
C ALA D 18 1.81 -8.15 -3.49
N ARG D 19 1.03 -7.29 -2.83
CA ARG D 19 -0.14 -7.70 -2.08
C ARG D 19 -1.30 -6.77 -2.41
N ILE D 20 -2.37 -7.33 -2.95
CA ILE D 20 -3.57 -6.57 -3.29
C ILE D 20 -4.71 -7.12 -2.45
N THR D 21 -5.38 -6.23 -1.71
CA THR D 21 -6.41 -6.63 -0.78
C THR D 21 -7.79 -6.33 -1.34
N CYS D 22 -8.77 -7.09 -0.88
CA CYS D 22 -10.17 -6.91 -1.26
C CYS D 22 -11.02 -7.14 -0.02
N SER D 23 -11.84 -6.15 0.33
CA SER D 23 -12.64 -6.19 1.54
C SER D 23 -14.12 -6.24 1.20
N GLY D 24 -14.85 -7.11 1.90
CA GLY D 24 -16.29 -7.24 1.72
C GLY D 24 -16.95 -7.95 2.89
N ASP D 25 -18.13 -7.49 3.29
CA ASP D 25 -18.79 -8.03 4.48
C ASP D 25 -19.13 -9.51 4.32
N ALA D 26 -19.42 -9.97 3.11
CA ALA D 26 -19.83 -11.35 2.88
C ALA D 26 -18.67 -12.28 2.59
N LEU D 27 -17.43 -11.77 2.55
CA LEU D 27 -16.29 -12.63 2.25
C LEU D 27 -16.04 -13.74 3.28
N PRO D 28 -16.38 -13.60 4.56
CA PRO D 28 -16.26 -14.77 5.46
C PRO D 28 -17.10 -15.96 5.01
N LYS D 29 -18.17 -15.74 4.26
CA LYS D 29 -19.04 -16.81 3.80
C LYS D 29 -18.92 -17.11 2.31
N GLN D 30 -18.38 -16.18 1.51
CA GLN D 30 -18.38 -16.31 0.07
C GLN D 30 -16.95 -16.26 -0.47
N TYR D 31 -16.66 -17.15 -1.41
CA TYR D 31 -15.36 -17.18 -2.07
C TYR D 31 -15.12 -15.90 -2.86
N ALA D 32 -13.84 -15.63 -3.10
CA ALA D 32 -13.42 -14.52 -3.95
C ALA D 32 -12.65 -15.05 -5.15
N TYR D 33 -12.62 -14.24 -6.20
CA TYR D 33 -11.97 -14.60 -7.47
C TYR D 33 -11.23 -13.39 -7.99
N TRP D 34 -10.01 -13.59 -8.47
CA TRP D 34 -9.10 -12.51 -8.85
C TRP D 34 -8.85 -12.53 -10.35
N TYR D 35 -8.83 -11.35 -10.96
CA TYR D 35 -8.65 -11.22 -12.39
C TYR D 35 -7.54 -10.23 -12.68
N GLN D 36 -6.70 -10.55 -13.66
CA GLN D 36 -5.61 -9.69 -14.11
C GLN D 36 -5.96 -9.15 -15.49
N GLN D 37 -5.85 -7.84 -15.66
CA GLN D 37 -6.14 -7.21 -16.94
C GLN D 37 -5.03 -6.25 -17.31
N LYS D 38 -4.39 -6.49 -18.44
CA LYS D 38 -3.42 -5.60 -19.04
C LYS D 38 -4.11 -4.68 -20.05
N PRO D 39 -3.50 -3.52 -20.36
CA PRO D 39 -4.18 -2.55 -21.22
C PRO D 39 -4.58 -3.14 -22.57
N GLY D 40 -5.80 -2.84 -22.99
CA GLY D 40 -6.30 -3.30 -24.27
C GLY D 40 -6.54 -4.79 -24.37
N GLN D 41 -6.57 -5.50 -23.24
CA GLN D 41 -6.78 -6.93 -23.23
C GLN D 41 -7.96 -7.29 -22.34
N ALA D 42 -8.54 -8.46 -22.60
CA ALA D 42 -9.61 -8.97 -21.77
C ALA D 42 -9.04 -9.44 -20.43
N PRO D 43 -9.86 -9.46 -19.36
CA PRO D 43 -9.35 -9.93 -18.07
C PRO D 43 -8.99 -11.41 -18.13
N VAL D 44 -8.10 -11.81 -17.22
CA VAL D 44 -7.62 -13.18 -17.11
C VAL D 44 -7.75 -13.63 -15.67
N LEU D 45 -8.40 -14.77 -15.45
CA LEU D 45 -8.57 -15.32 -14.11
C LEU D 45 -7.24 -15.84 -13.59
N VAL D 46 -6.85 -15.38 -12.40
CA VAL D 46 -5.54 -15.76 -11.85
C VAL D 46 -5.71 -16.55 -10.56
N ILE D 47 -6.78 -16.29 -9.82
CA ILE D 47 -7.10 -17.02 -8.60
C ILE D 47 -8.61 -17.19 -8.51
N TYR D 48 -9.05 -18.40 -8.18
CA TYR D 48 -10.45 -18.68 -7.92
C TYR D 48 -10.59 -19.42 -6.60
N LYS D 49 -11.77 -19.27 -5.98
CA LYS D 49 -12.07 -19.85 -4.67
C LYS D 49 -10.98 -19.51 -3.66
N ASP D 50 -10.69 -18.21 -3.55
CA ASP D 50 -9.78 -17.63 -2.58
C ASP D 50 -8.30 -17.92 -2.87
N SER D 51 -7.96 -19.17 -3.20
CA SER D 51 -6.57 -19.57 -3.15
C SER D 51 -6.10 -20.50 -4.27
N GLU D 52 -6.94 -20.81 -5.24
CA GLU D 52 -6.58 -21.81 -6.24
C GLU D 52 -6.18 -21.15 -7.55
N ARG D 53 -5.12 -21.68 -8.17
CA ARG D 53 -4.59 -21.17 -9.44
C ARG D 53 -5.17 -21.96 -10.60
N PRO D 54 -5.71 -21.29 -11.62
CA PRO D 54 -6.04 -21.99 -12.86
C PRO D 54 -4.77 -22.51 -13.53
N SER D 55 -4.95 -23.54 -14.37
CA SER D 55 -3.83 -24.06 -15.12
C SER D 55 -3.24 -22.97 -16.01
N GLY D 56 -1.91 -22.90 -16.03
CA GLY D 56 -1.20 -21.93 -16.83
C GLY D 56 -0.79 -20.67 -16.08
N ILE D 57 -1.36 -20.42 -14.91
CA ILE D 57 -0.98 -19.24 -14.12
C ILE D 57 0.27 -19.55 -13.33
N PRO D 58 1.30 -18.70 -13.38
CA PRO D 58 2.55 -19.00 -12.68
C PRO D 58 2.35 -19.17 -11.17
N GLU D 59 3.23 -19.97 -10.57
CA GLU D 59 3.08 -20.33 -9.17
C GLU D 59 3.30 -19.17 -8.22
N ARG D 60 3.93 -18.09 -8.68
CA ARG D 60 4.13 -16.93 -7.81
C ARG D 60 2.84 -16.20 -7.48
N PHE D 61 1.74 -16.53 -8.14
CA PHE D 61 0.43 -16.01 -7.79
C PHE D 61 -0.17 -16.90 -6.70
N SER D 62 -0.63 -16.27 -5.62
CA SER D 62 -1.29 -16.99 -4.54
C SER D 62 -2.39 -16.11 -3.97
N GLY D 63 -3.28 -16.75 -3.21
CA GLY D 63 -4.37 -16.03 -2.57
C GLY D 63 -4.65 -16.62 -1.21
N SER D 64 -5.19 -15.78 -0.32
CA SER D 64 -5.49 -16.19 1.05
C SER D 64 -6.70 -15.41 1.54
N SER D 65 -7.30 -15.91 2.61
CA SER D 65 -8.51 -15.34 3.18
C SER D 65 -8.29 -15.07 4.66
N SER D 66 -8.86 -13.96 5.14
CA SER D 66 -8.81 -13.64 6.57
C SER D 66 -10.06 -12.82 6.87
N GLY D 67 -11.17 -13.52 7.15
CA GLY D 67 -12.43 -12.88 7.46
C GLY D 67 -12.99 -12.04 6.34
N THR D 68 -13.08 -10.73 6.56
CA THR D 68 -13.66 -9.82 5.58
C THR D 68 -12.66 -9.35 4.54
N THR D 69 -11.42 -9.86 4.57
CA THR D 69 -10.39 -9.45 3.63
C THR D 69 -9.83 -10.68 2.93
N VAL D 70 -9.69 -10.59 1.61
CA VAL D 70 -8.93 -11.56 0.84
C VAL D 70 -7.75 -10.82 0.24
N THR D 71 -6.62 -11.53 0.09
CA THR D 71 -5.38 -10.94 -0.39
C THR D 71 -4.84 -11.76 -1.55
N LEU D 72 -4.62 -11.10 -2.68
CA LEU D 72 -3.87 -11.68 -3.78
C LEU D 72 -2.39 -11.32 -3.61
N THR D 73 -1.53 -12.33 -3.58
CA THR D 73 -0.11 -12.15 -3.34
C THR D 73 0.68 -12.60 -4.56
N ILE D 74 1.58 -11.74 -5.03
CA ILE D 74 2.50 -12.08 -6.11
C ILE D 74 3.91 -12.01 -5.54
N SER D 75 4.50 -13.17 -5.27
CA SER D 75 5.87 -13.22 -4.76
C SER D 75 6.86 -13.08 -5.90
N GLY D 76 7.99 -12.44 -5.61
CA GLY D 76 9.01 -12.18 -6.61
C GLY D 76 8.43 -11.52 -7.85
N VAL D 77 7.68 -10.42 -7.64
CA VAL D 77 6.90 -9.82 -8.70
C VAL D 77 7.79 -9.45 -9.88
N GLN D 78 7.27 -9.65 -11.09
CA GLN D 78 8.00 -9.38 -12.32
C GLN D 78 7.32 -8.25 -13.08
N ALA D 79 8.07 -7.67 -14.02
CA ALA D 79 7.56 -6.54 -14.79
C ALA D 79 6.30 -6.91 -15.55
N GLU D 80 6.23 -8.15 -16.05
CA GLU D 80 5.04 -8.58 -16.79
C GLU D 80 3.81 -8.75 -15.92
N ASP D 81 3.95 -8.65 -14.59
CA ASP D 81 2.80 -8.73 -13.70
C ASP D 81 2.11 -7.38 -13.50
N GLU D 82 2.68 -6.31 -14.03
CA GLU D 82 2.02 -5.01 -14.00
C GLU D 82 0.71 -5.08 -14.77
N ALA D 83 -0.40 -4.79 -14.10
CA ALA D 83 -1.72 -4.86 -14.70
C ALA D 83 -2.73 -4.28 -13.71
N ASP D 84 -3.98 -4.25 -14.14
CA ASP D 84 -5.10 -3.95 -13.26
C ASP D 84 -5.66 -5.26 -12.72
N TYR D 85 -5.82 -5.34 -11.40
CA TYR D 85 -6.31 -6.53 -10.74
C TYR D 85 -7.67 -6.26 -10.11
N TYR D 86 -8.62 -7.16 -10.34
CA TYR D 86 -9.97 -7.04 -9.83
C TYR D 86 -10.31 -8.26 -9.00
N CYS D 87 -10.88 -8.03 -7.82
CA CYS D 87 -11.50 -9.09 -7.04
C CYS D 87 -12.97 -9.17 -7.38
N GLN D 88 -13.56 -10.36 -7.19
CA GLN D 88 -14.95 -10.60 -7.52
C GLN D 88 -15.53 -11.59 -6.53
N SER D 89 -16.76 -11.34 -6.11
CA SER D 89 -17.46 -12.22 -5.19
C SER D 89 -18.95 -11.92 -5.30
N ALA D 90 -19.72 -12.42 -4.34
CA ALA D 90 -21.16 -12.23 -4.32
C ALA D 90 -21.63 -12.01 -2.89
N ASP D 91 -22.70 -11.24 -2.74
CA ASP D 91 -23.34 -11.09 -1.44
C ASP D 91 -23.87 -12.44 -0.98
N SER D 92 -23.90 -12.63 0.35
CA SER D 92 -24.45 -13.85 0.91
C SER D 92 -25.97 -13.83 1.02
N SER D 93 -26.60 -12.67 0.81
CA SER D 93 -28.04 -12.56 0.94
C SER D 93 -28.78 -13.36 -0.12
N GLY D 94 -28.15 -13.60 -1.26
CA GLY D 94 -28.78 -14.37 -2.31
C GLY D 94 -29.77 -13.61 -3.15
N THR D 95 -29.66 -12.29 -3.22
CA THR D 95 -30.55 -11.47 -4.04
C THR D 95 -29.81 -10.76 -5.18
N SER D 96 -28.55 -11.13 -5.42
CA SER D 96 -27.73 -10.44 -6.41
C SER D 96 -26.78 -11.43 -7.04
N HIS D 97 -26.04 -10.96 -8.04
CA HIS D 97 -25.09 -11.78 -8.77
C HIS D 97 -23.66 -11.34 -8.45
N TRP D 98 -22.73 -11.62 -9.36
CA TRP D 98 -21.33 -11.28 -9.13
C TRP D 98 -21.15 -9.76 -9.06
N VAL D 99 -20.19 -9.33 -8.25
CA VAL D 99 -19.79 -7.93 -8.17
C VAL D 99 -18.28 -7.88 -8.17
N PHE D 100 -17.72 -6.92 -8.91
CA PHE D 100 -16.29 -6.72 -8.97
C PHE D 100 -15.87 -5.65 -7.98
N GLY D 101 -14.70 -5.81 -7.40
CA GLY D 101 -14.07 -4.71 -6.71
C GLY D 101 -13.75 -3.57 -7.65
N GLY D 102 -13.42 -2.42 -7.08
CA GLY D 102 -13.10 -1.25 -7.89
C GLY D 102 -11.85 -1.40 -8.74
N GLY D 103 -10.99 -2.35 -8.39
CA GLY D 103 -9.76 -2.55 -9.15
C GLY D 103 -8.54 -1.91 -8.54
N THR D 104 -7.38 -2.55 -8.70
CA THR D 104 -6.11 -2.06 -8.18
C THR D 104 -5.12 -2.01 -9.31
N LYS D 105 -4.59 -0.82 -9.60
CA LYS D 105 -3.52 -0.68 -10.59
C LYS D 105 -2.19 -1.03 -9.93
N LEU D 106 -1.57 -2.12 -10.37
CA LEU D 106 -0.29 -2.55 -9.84
C LEU D 106 0.82 -2.07 -10.77
N THR D 107 1.68 -1.19 -10.25
CA THR D 107 2.88 -0.75 -10.96
C THR D 107 4.08 -1.52 -10.43
N VAL D 108 4.95 -1.96 -11.33
CA VAL D 108 6.05 -2.85 -10.97
C VAL D 108 7.42 -2.17 -11.05
N LEU D 109 7.57 -1.10 -11.83
CA LEU D 109 8.82 -0.34 -11.91
C LEU D 109 9.97 -1.22 -12.43
N GLY D 110 9.85 -1.58 -13.70
CA GLY D 110 10.86 -2.39 -14.37
C GLY D 110 11.87 -1.62 -15.17
N GLN D 111 11.78 -0.30 -15.20
CA GLN D 111 12.65 0.57 -15.98
C GLN D 111 13.28 1.59 -15.06
N PRO D 112 14.39 2.21 -15.46
CA PRO D 112 14.93 3.32 -14.67
C PRO D 112 14.01 4.52 -14.73
N LYS D 113 13.99 5.29 -13.64
CA LYS D 113 13.21 6.51 -13.61
C LYS D 113 13.71 7.47 -14.69
N ALA D 114 12.83 7.88 -15.59
CA ALA D 114 13.15 8.83 -16.64
C ALA D 114 12.29 10.07 -16.47
N ALA D 115 12.93 11.22 -16.42
CA ALA D 115 12.21 12.49 -16.37
C ALA D 115 11.63 12.82 -17.74
N PRO D 116 10.51 13.52 -17.80
CA PRO D 116 9.85 13.76 -19.07
C PRO D 116 10.55 14.81 -19.92
N SER D 117 10.48 14.61 -21.23
CA SER D 117 10.76 15.65 -22.21
C SER D 117 9.47 16.43 -22.47
N VAL D 118 9.56 17.75 -22.47
CA VAL D 118 8.41 18.62 -22.59
C VAL D 118 8.64 19.60 -23.74
N THR D 119 7.64 19.76 -24.60
CA THR D 119 7.67 20.72 -25.69
C THR D 119 6.36 21.48 -25.70
N LEU D 120 6.42 22.79 -25.49
CA LEU D 120 5.24 23.64 -25.39
C LEU D 120 5.16 24.50 -26.65
N PHE D 121 4.12 24.29 -27.45
CA PHE D 121 3.90 25.01 -28.69
C PHE D 121 2.92 26.15 -28.49
N PRO D 122 3.23 27.33 -28.98
CA PRO D 122 2.28 28.46 -28.88
C PRO D 122 1.18 28.33 -29.92
N PRO D 123 0.11 29.10 -29.80
CA PRO D 123 -0.93 29.09 -30.85
C PRO D 123 -0.34 29.43 -32.21
N SER D 124 -0.84 28.74 -33.23
CA SER D 124 -0.37 28.96 -34.60
C SER D 124 -1.01 30.23 -35.17
N SER D 125 -0.43 30.70 -36.28
CA SER D 125 -0.94 31.91 -36.93
C SER D 125 -2.30 31.66 -37.55
N GLU D 126 -2.45 30.55 -38.27
CA GLU D 126 -3.72 30.24 -38.91
C GLU D 126 -4.84 30.07 -37.90
N GLU D 127 -4.53 29.54 -36.71
CA GLU D 127 -5.55 29.41 -35.68
C GLU D 127 -5.97 30.78 -35.16
N LEU D 128 -5.04 31.73 -35.08
CA LEU D 128 -5.39 33.07 -34.61
C LEU D 128 -6.24 33.82 -35.63
N GLN D 129 -6.04 33.54 -36.93
CA GLN D 129 -6.93 34.07 -37.95
C GLN D 129 -8.33 33.49 -37.89
N ALA D 130 -8.57 32.50 -37.03
CA ALA D 130 -9.87 31.86 -36.87
C ALA D 130 -10.46 32.12 -35.49
N ASN D 131 -9.97 33.14 -34.79
CA ASN D 131 -10.49 33.56 -33.48
C ASN D 131 -10.30 32.51 -32.40
N LYS D 132 -9.30 31.64 -32.54
CA LYS D 132 -9.02 30.60 -31.56
C LYS D 132 -7.55 30.63 -31.19
N ALA D 133 -7.23 29.99 -30.06
CA ALA D 133 -5.86 29.92 -29.57
C ALA D 133 -5.72 28.72 -28.66
N THR D 134 -4.70 27.90 -28.89
CA THR D 134 -4.48 26.71 -28.09
C THR D 134 -3.00 26.52 -27.84
N LEU D 135 -2.63 26.40 -26.57
CA LEU D 135 -1.28 26.00 -26.18
C LEU D 135 -1.21 24.48 -26.10
N VAL D 136 -0.14 23.91 -26.63
CA VAL D 136 -0.01 22.47 -26.79
C VAL D 136 1.24 22.03 -26.04
N CYS D 137 1.05 21.40 -24.89
CA CYS D 137 2.14 20.85 -24.09
C CYS D 137 2.26 19.37 -24.39
N LEU D 138 3.36 18.98 -25.05
CA LEU D 138 3.62 17.59 -25.38
C LEU D 138 4.64 17.03 -24.40
N ILE D 139 4.25 16.00 -23.66
CA ILE D 139 5.07 15.41 -22.60
C ILE D 139 5.39 13.98 -23.02
N SER D 140 6.68 13.64 -23.06
CA SER D 140 7.10 12.36 -23.60
C SER D 140 8.27 11.81 -22.80
N ASP D 141 8.47 10.50 -22.95
CA ASP D 141 9.68 9.81 -22.50
C ASP D 141 9.87 9.84 -20.99
N PHE D 142 8.78 9.81 -20.22
CA PHE D 142 8.89 9.75 -18.76
C PHE D 142 8.53 8.37 -18.25
N TYR D 143 9.11 8.01 -17.10
CA TYR D 143 8.85 6.73 -16.46
C TYR D 143 9.07 6.90 -14.96
N PRO D 144 8.15 6.42 -14.11
CA PRO D 144 6.93 5.67 -14.44
C PRO D 144 5.83 6.56 -15.02
N GLY D 145 4.73 5.97 -15.46
CA GLY D 145 3.72 6.69 -16.21
C GLY D 145 2.70 7.43 -15.37
N ALA D 146 3.14 8.47 -14.67
CA ALA D 146 2.23 9.31 -13.90
C ALA D 146 2.83 10.70 -13.80
N VAL D 147 2.10 11.71 -14.25
CA VAL D 147 2.53 13.10 -14.18
C VAL D 147 1.33 13.98 -13.83
N THR D 148 1.63 15.16 -13.32
CA THR D 148 0.64 16.20 -13.08
C THR D 148 1.09 17.46 -13.79
N VAL D 149 0.15 18.14 -14.44
CA VAL D 149 0.44 19.28 -15.30
C VAL D 149 -0.06 20.55 -14.63
N ALA D 150 0.82 21.55 -14.52
CA ALA D 150 0.49 22.85 -13.94
C ALA D 150 0.64 23.91 -15.02
N TRP D 151 -0.46 24.56 -15.36
CA TRP D 151 -0.48 25.62 -16.37
C TRP D 151 -0.42 26.96 -15.67
N LYS D 152 0.59 27.76 -16.02
CA LYS D 152 0.83 29.05 -15.38
C LYS D 152 0.75 30.17 -16.40
N ALA D 153 0.24 31.32 -15.97
CA ALA D 153 0.17 32.54 -16.76
C ALA D 153 0.97 33.60 -16.02
N ASP D 154 2.26 33.67 -16.30
CA ASP D 154 3.19 34.57 -15.61
C ASP D 154 3.22 34.26 -14.11
N SER D 155 3.68 33.05 -13.78
CA SER D 155 3.74 32.57 -12.40
C SER D 155 2.39 32.65 -11.70
N SER D 156 1.30 32.50 -12.47
CA SER D 156 -0.06 32.51 -11.95
C SER D 156 -0.83 31.36 -12.60
N PRO D 157 -1.42 30.46 -11.80
CA PRO D 157 -2.01 29.23 -12.37
C PRO D 157 -3.40 29.48 -12.95
N VAL D 158 -3.58 29.11 -14.21
CA VAL D 158 -4.87 29.19 -14.88
C VAL D 158 -5.51 27.81 -14.81
N LYS D 159 -6.63 27.69 -14.10
CA LYS D 159 -7.34 26.42 -14.01
C LYS D 159 -8.68 26.51 -14.74
N ALA D 160 -8.63 26.71 -16.05
CA ALA D 160 -9.81 26.76 -16.89
C ALA D 160 -9.41 26.54 -18.33
N GLY D 161 -10.15 25.70 -19.04
CA GLY D 161 -9.81 25.38 -20.41
C GLY D 161 -8.65 24.42 -20.56
N VAL D 162 -8.31 23.67 -19.52
CA VAL D 162 -7.21 22.72 -19.56
C VAL D 162 -7.77 21.34 -19.88
N GLU D 163 -7.31 20.75 -20.98
CA GLU D 163 -7.65 19.38 -21.38
C GLU D 163 -6.35 18.57 -21.36
N THR D 164 -6.28 17.58 -20.48
CA THR D 164 -5.08 16.77 -20.32
C THR D 164 -5.43 15.29 -20.46
N THR D 165 -4.68 14.59 -21.31
CA THR D 165 -4.89 13.17 -21.53
C THR D 165 -4.32 12.36 -20.37
N THR D 166 -4.70 11.09 -20.32
CA THR D 166 -4.05 10.15 -19.43
C THR D 166 -2.69 9.77 -20.01
N PRO D 167 -1.74 9.37 -19.16
CA PRO D 167 -0.46 8.89 -19.68
C PRO D 167 -0.66 7.64 -20.53
N SER D 168 0.14 7.54 -21.60
CA SER D 168 0.02 6.45 -22.55
C SER D 168 1.39 5.88 -22.86
N LYS D 169 1.45 4.55 -22.97
CA LYS D 169 2.71 3.86 -23.14
C LYS D 169 3.23 4.03 -24.57
N GLN D 170 4.50 4.44 -24.68
CA GLN D 170 5.16 4.55 -25.97
C GLN D 170 5.78 3.20 -26.35
N SER D 171 6.24 3.12 -27.61
CA SER D 171 6.82 1.87 -28.08
C SER D 171 8.17 1.58 -27.40
N ASN D 172 8.86 2.62 -26.95
CA ASN D 172 10.11 2.43 -26.21
C ASN D 172 9.89 2.14 -24.73
N ASN D 173 8.65 1.84 -24.34
CA ASN D 173 8.24 1.45 -23.00
C ASN D 173 8.31 2.60 -21.99
N LYS D 174 8.56 3.82 -22.43
CA LYS D 174 8.34 4.99 -21.60
C LYS D 174 6.91 5.49 -21.85
N TYR D 175 6.56 6.63 -21.27
CA TYR D 175 5.18 7.10 -21.33
C TYR D 175 5.10 8.50 -21.91
N ALA D 176 3.91 8.83 -22.42
CA ALA D 176 3.64 10.11 -23.04
C ALA D 176 2.27 10.62 -22.60
N ALA D 177 2.11 11.93 -22.61
CA ALA D 177 0.84 12.57 -22.32
C ALA D 177 0.86 13.96 -22.94
N SER D 178 -0.32 14.51 -23.18
CA SER D 178 -0.46 15.83 -23.78
C SER D 178 -1.50 16.64 -23.03
N SER D 179 -1.28 17.94 -22.98
CA SER D 179 -2.17 18.87 -22.30
C SER D 179 -2.43 20.07 -23.20
N TYR D 180 -3.69 20.47 -23.27
CA TYR D 180 -4.12 21.56 -24.14
C TYR D 180 -4.73 22.68 -23.30
N LEU D 181 -4.40 23.92 -23.65
CA LEU D 181 -4.95 25.10 -22.98
C LEU D 181 -5.60 25.98 -24.03
N SER D 182 -6.94 26.01 -24.03
CA SER D 182 -7.69 26.83 -24.97
C SER D 182 -7.92 28.22 -24.38
N LEU D 183 -7.56 29.25 -25.13
CA LEU D 183 -7.70 30.63 -24.71
C LEU D 183 -8.33 31.44 -25.82
N THR D 184 -8.78 32.64 -25.47
CA THR D 184 -9.17 33.60 -26.49
C THR D 184 -7.94 34.25 -27.09
N PRO D 185 -8.00 34.69 -28.35
CA PRO D 185 -6.83 35.34 -28.96
C PRO D 185 -6.35 36.58 -28.23
N GLU D 186 -7.16 37.14 -27.33
CA GLU D 186 -6.75 38.30 -26.54
C GLU D 186 -6.14 37.91 -25.21
N GLN D 187 -6.57 36.79 -24.62
CA GLN D 187 -5.91 36.27 -23.42
C GLN D 187 -4.45 35.97 -23.69
N TRP D 188 -4.15 35.44 -24.88
CA TRP D 188 -2.79 35.03 -25.22
C TRP D 188 -1.91 36.22 -25.57
N LYS D 189 -2.46 37.21 -26.27
CA LYS D 189 -1.70 38.38 -26.70
C LYS D 189 -1.55 39.44 -25.63
N SER D 190 -2.14 39.24 -24.44
CA SER D 190 -2.06 40.21 -23.36
C SER D 190 -1.08 39.80 -22.27
N HIS D 191 -1.02 38.52 -21.93
CA HIS D 191 -0.13 38.07 -20.87
C HIS D 191 1.32 38.14 -21.32
N ARG D 192 2.21 38.23 -20.33
CA ARG D 192 3.64 38.43 -20.62
C ARG D 192 4.33 37.12 -20.98
N SER D 193 3.83 35.99 -20.49
CA SER D 193 4.35 34.69 -20.85
C SER D 193 3.30 33.63 -20.53
N TYR D 194 3.65 32.37 -20.77
CA TYR D 194 2.73 31.25 -20.54
C TYR D 194 3.56 29.99 -20.39
N SER D 195 3.31 29.23 -19.34
CA SER D 195 4.16 28.11 -18.98
C SER D 195 3.37 26.81 -18.92
N CYS D 196 4.08 25.70 -19.11
CA CYS D 196 3.58 24.36 -18.86
C CYS D 196 4.55 23.68 -17.91
N GLN D 197 4.11 23.43 -16.67
CA GLN D 197 4.92 22.79 -15.66
C GLN D 197 4.46 21.35 -15.48
N VAL D 198 5.42 20.41 -15.49
CA VAL D 198 5.14 18.99 -15.37
C VAL D 198 5.87 18.48 -14.14
N THR D 199 5.13 17.88 -13.22
CA THR D 199 5.69 17.27 -12.02
C THR D 199 5.68 15.75 -12.19
N HIS D 200 6.84 15.12 -11.97
CA HIS D 200 6.99 13.69 -12.16
C HIS D 200 7.93 13.16 -11.10
N GLU D 201 7.38 12.41 -10.13
CA GLU D 201 8.17 11.80 -9.05
C GLU D 201 8.96 12.86 -8.27
N GLY D 202 8.28 13.95 -7.91
CA GLY D 202 8.92 15.03 -7.17
C GLY D 202 9.55 16.07 -8.06
N SER D 203 10.52 15.65 -8.89
CA SER D 203 11.22 16.58 -9.76
C SER D 203 10.26 17.19 -10.78
N THR D 204 10.60 18.40 -11.23
CA THR D 204 9.72 19.17 -12.09
C THR D 204 10.45 19.59 -13.36
N VAL D 205 9.67 19.80 -14.42
CA VAL D 205 10.16 20.23 -15.73
C VAL D 205 9.20 21.28 -16.26
N GLU D 206 9.75 22.33 -16.88
CA GLU D 206 8.92 23.44 -17.32
C GLU D 206 9.45 24.02 -18.62
N LYS D 207 8.53 24.38 -19.51
CA LYS D 207 8.81 25.18 -20.70
C LYS D 207 7.91 26.40 -20.71
N THR D 208 8.26 27.39 -21.52
CA THR D 208 7.54 28.65 -21.54
C THR D 208 7.49 29.21 -22.96
N VAL D 209 6.35 29.79 -23.31
CA VAL D 209 6.18 30.49 -24.58
C VAL D 209 5.62 31.88 -24.30
N ALA D 210 5.70 32.74 -25.30
CA ALA D 210 5.21 34.11 -25.19
C ALA D 210 5.08 34.68 -26.59
N PRO D 211 4.07 35.53 -26.84
CA PRO D 211 3.89 36.16 -28.16
C PRO D 211 4.91 37.28 -28.41
N SER E 1 23.19 -10.17 7.74
CA SER E 1 22.37 -10.30 8.93
C SER E 1 20.90 -10.53 8.56
N TYR E 2 20.12 -10.97 9.54
CA TYR E 2 18.70 -11.24 9.31
C TYR E 2 17.90 -9.94 9.35
N GLU E 3 17.00 -9.78 8.38
CA GLU E 3 16.25 -8.54 8.22
C GLU E 3 14.76 -8.84 8.08
N LEU E 4 13.95 -7.93 8.62
CA LEU E 4 12.50 -7.95 8.47
C LEU E 4 12.08 -6.73 7.65
N THR E 5 11.22 -6.96 6.67
CA THR E 5 10.81 -5.90 5.74
C THR E 5 9.35 -5.53 5.99
N GLN E 6 9.11 -4.25 6.25
CA GLN E 6 7.77 -3.72 6.35
C GLN E 6 7.66 -2.42 5.57
N PRO E 7 6.48 -2.09 5.05
CA PRO E 7 6.32 -0.86 4.27
C PRO E 7 6.58 0.36 5.13
N PRO E 8 7.24 1.39 4.59
CA PRO E 8 7.54 2.58 5.40
C PRO E 8 6.32 3.34 5.86
N SER E 9 5.21 3.29 5.12
CA SER E 9 4.05 4.09 5.48
C SER E 9 2.78 3.44 4.97
N VAL E 10 1.72 3.57 5.76
CA VAL E 10 0.37 3.13 5.38
C VAL E 10 -0.61 4.22 5.79
N SER E 11 -1.54 4.54 4.89
CA SER E 11 -2.57 5.54 5.12
C SER E 11 -3.94 4.88 5.13
N VAL E 12 -4.78 5.29 6.08
CA VAL E 12 -6.14 4.79 6.21
C VAL E 12 -7.05 5.94 6.63
N SER E 13 -8.33 5.77 6.34
CA SER E 13 -9.37 6.64 6.85
C SER E 13 -9.98 6.02 8.10
N PRO E 14 -10.55 6.84 9.00
CA PRO E 14 -11.11 6.28 10.23
C PRO E 14 -12.20 5.27 9.95
N GLY E 15 -12.27 4.24 10.78
CA GLY E 15 -13.22 3.17 10.63
C GLY E 15 -12.82 2.08 9.66
N GLN E 16 -11.90 2.36 8.74
CA GLN E 16 -11.42 1.35 7.83
C GLN E 16 -10.48 0.39 8.54
N THR E 17 -10.06 -0.65 7.82
CA THR E 17 -9.16 -1.65 8.37
C THR E 17 -7.74 -1.34 7.92
N ALA E 18 -6.87 -1.06 8.88
CA ALA E 18 -5.45 -0.86 8.61
C ALA E 18 -4.73 -2.19 8.65
N ARG E 19 -3.85 -2.39 7.67
CA ARG E 19 -3.07 -3.62 7.56
C ARG E 19 -1.60 -3.25 7.39
N ILE E 20 -0.75 -3.81 8.26
CA ILE E 20 0.68 -3.59 8.23
C ILE E 20 1.35 -4.95 8.15
N THR E 21 2.17 -5.15 7.12
CA THR E 21 2.80 -6.44 6.87
C THR E 21 4.27 -6.40 7.26
N CYS E 22 4.81 -7.59 7.51
CA CYS E 22 6.21 -7.76 7.89
C CYS E 22 6.66 -9.10 7.35
N SER E 23 7.77 -9.12 6.60
CA SER E 23 8.21 -10.33 5.94
C SER E 23 9.66 -10.62 6.31
N GLY E 24 9.97 -11.91 6.39
CA GLY E 24 11.30 -12.39 6.72
C GLY E 24 11.38 -13.89 6.50
N ASP E 25 12.55 -14.38 6.06
CA ASP E 25 12.66 -15.78 5.66
C ASP E 25 12.40 -16.77 6.79
N ALA E 26 12.57 -16.35 8.04
CA ALA E 26 12.43 -17.25 9.17
C ALA E 26 11.05 -17.18 9.81
N LEU E 27 10.16 -16.35 9.30
CA LEU E 27 8.82 -16.24 9.89
C LEU E 27 8.00 -17.51 9.83
N PRO E 28 8.16 -18.43 8.86
CA PRO E 28 7.46 -19.72 8.96
C PRO E 28 7.88 -20.55 10.17
N LYS E 29 9.05 -20.29 10.74
CA LYS E 29 9.54 -21.05 11.90
C LYS E 29 9.51 -20.27 13.20
N GLN E 30 9.51 -18.94 13.15
CA GLN E 30 9.66 -18.12 14.35
C GLN E 30 8.47 -17.19 14.49
N TYR E 31 8.01 -17.02 15.73
CA TYR E 31 6.94 -16.10 16.02
C TYR E 31 7.37 -14.66 15.78
N ALA E 32 6.40 -13.80 15.57
CA ALA E 32 6.63 -12.37 15.42
C ALA E 32 5.91 -11.63 16.54
N TYR E 33 6.32 -10.38 16.74
CA TYR E 33 5.80 -9.54 17.80
C TYR E 33 5.68 -8.13 17.27
N TRP E 34 4.60 -7.44 17.66
CA TRP E 34 4.27 -6.13 17.11
C TRP E 34 4.29 -5.08 18.21
N TYR E 35 4.83 -3.91 17.88
CA TYR E 35 4.96 -2.82 18.83
C TYR E 35 4.41 -1.54 18.23
N GLN E 36 3.69 -0.78 19.05
CA GLN E 36 3.13 0.51 18.68
C GLN E 36 3.90 1.59 19.43
N GLN E 37 4.31 2.65 18.72
CA GLN E 37 5.04 3.74 19.36
C GLN E 37 4.52 5.07 18.87
N LYS E 38 4.04 5.88 19.80
CA LYS E 38 3.63 7.25 19.56
C LYS E 38 4.81 8.20 19.82
N PRO E 39 4.83 9.38 19.19
CA PRO E 39 5.99 10.26 19.32
C PRO E 39 6.23 10.67 20.77
N GLY E 40 7.50 10.62 21.17
CA GLY E 40 7.88 10.94 22.53
C GLY E 40 7.61 9.85 23.55
N GLN E 41 7.14 8.69 23.12
CA GLN E 41 6.77 7.62 24.02
C GLN E 41 7.58 6.36 23.72
N ALA E 42 7.69 5.50 24.73
CA ALA E 42 8.30 4.20 24.55
C ALA E 42 7.35 3.29 23.76
N PRO E 43 7.89 2.29 23.07
CA PRO E 43 7.03 1.34 22.35
C PRO E 43 6.12 0.58 23.31
N VAL E 44 5.00 0.12 22.76
CA VAL E 44 4.02 -0.65 23.52
C VAL E 44 3.73 -1.93 22.76
N LEU E 45 3.84 -3.06 23.44
CA LEU E 45 3.50 -4.36 22.85
C LEU E 45 2.02 -4.44 22.57
N VAL E 46 1.66 -4.78 21.33
CA VAL E 46 0.24 -4.88 20.98
C VAL E 46 -0.11 -6.30 20.53
N ILE E 47 0.86 -7.04 20.01
CA ILE E 47 0.63 -8.41 19.54
C ILE E 47 1.88 -9.22 19.81
N TYR E 48 1.73 -10.39 20.43
CA TYR E 48 2.83 -11.32 20.60
C TYR E 48 2.44 -12.69 20.05
N LYS E 49 3.45 -13.47 19.70
CA LYS E 49 3.28 -14.81 19.12
C LYS E 49 2.28 -14.77 17.96
N ASP E 50 2.55 -13.87 17.01
CA ASP E 50 1.79 -13.69 15.77
C ASP E 50 0.40 -13.09 15.99
N SER E 51 -0.34 -13.57 16.99
CA SER E 51 -1.76 -13.23 17.03
C SER E 51 -2.37 -13.02 18.41
N GLU E 52 -1.58 -12.96 19.47
CA GLU E 52 -2.15 -12.81 20.81
C GLU E 52 -2.03 -11.38 21.30
N ARG E 53 -3.09 -10.88 21.95
CA ARG E 53 -3.14 -9.52 22.47
C ARG E 53 -2.75 -9.51 23.94
N PRO E 54 -1.86 -8.60 24.35
CA PRO E 54 -1.72 -8.33 25.79
C PRO E 54 -3.03 -7.81 26.36
N SER E 55 -3.13 -7.87 27.70
CA SER E 55 -4.43 -7.71 28.36
C SER E 55 -5.01 -6.32 28.15
N GLY E 56 -4.18 -5.29 28.12
CA GLY E 56 -4.70 -3.94 28.01
C GLY E 56 -4.97 -3.43 26.61
N ILE E 57 -4.76 -4.25 25.58
CA ILE E 57 -4.82 -3.81 24.19
C ILE E 57 -6.23 -4.01 23.64
N PRO E 58 -6.80 -3.03 22.94
CA PRO E 58 -8.18 -3.17 22.45
C PRO E 58 -8.33 -4.31 21.46
N GLU E 59 -9.55 -4.85 21.39
CA GLU E 59 -9.82 -6.03 20.56
C GLU E 59 -9.69 -5.74 19.06
N ARG E 60 -9.71 -4.47 18.65
CA ARG E 60 -9.57 -4.18 17.23
C ARG E 60 -8.17 -4.50 16.71
N PHE E 61 -7.19 -4.72 17.58
CA PHE E 61 -5.87 -5.15 17.17
C PHE E 61 -5.85 -6.67 17.00
N SER E 62 -5.32 -7.13 15.87
CA SER E 62 -5.19 -8.57 15.65
C SER E 62 -3.99 -8.82 14.75
N GLY E 63 -3.55 -10.07 14.74
CA GLY E 63 -2.41 -10.45 13.93
C GLY E 63 -2.65 -11.80 13.29
N SER E 64 -1.99 -12.00 12.15
CA SER E 64 -2.08 -13.27 11.44
C SER E 64 -0.74 -13.56 10.77
N SER E 65 -0.55 -14.83 10.45
CA SER E 65 0.69 -15.29 9.82
C SER E 65 0.35 -16.09 8.57
N SER E 66 1.02 -15.78 7.46
CA SER E 66 0.90 -16.54 6.22
C SER E 66 2.32 -16.77 5.70
N GLY E 67 2.95 -17.82 6.20
CA GLY E 67 4.29 -18.18 5.77
C GLY E 67 5.33 -17.15 6.15
N THR E 68 5.97 -16.54 5.16
CA THR E 68 7.04 -15.58 5.39
C THR E 68 6.53 -14.16 5.61
N THR E 69 5.22 -13.97 5.75
CA THR E 69 4.65 -12.65 6.01
C THR E 69 3.72 -12.73 7.20
N VAL E 70 3.85 -11.79 8.13
CA VAL E 70 2.87 -11.58 9.19
C VAL E 70 2.20 -10.23 8.96
N THR E 71 0.96 -10.12 9.37
CA THR E 71 0.16 -8.91 9.14
C THR E 71 -0.47 -8.48 10.45
N LEU E 72 -0.21 -7.23 10.83
CA LEU E 72 -0.91 -6.59 11.94
C LEU E 72 -2.14 -5.89 11.38
N THR E 73 -3.31 -6.24 11.91
CA THR E 73 -4.58 -5.71 11.43
C THR E 73 -5.25 -4.91 12.53
N ILE E 74 -5.71 -3.71 12.19
CA ILE E 74 -6.45 -2.85 13.10
C ILE E 74 -7.79 -2.54 12.44
N SER E 75 -8.85 -3.20 12.90
CA SER E 75 -10.17 -2.95 12.36
C SER E 75 -10.78 -1.71 13.00
N GLY E 76 -11.62 -1.01 12.24
CA GLY E 76 -12.22 0.23 12.71
C GLY E 76 -11.21 1.18 13.27
N VAL E 77 -10.16 1.47 12.48
CA VAL E 77 -9.02 2.22 12.99
C VAL E 77 -9.48 3.61 13.46
N GLN E 78 -8.91 4.05 14.58
CA GLN E 78 -9.23 5.33 15.18
C GLN E 78 -8.03 6.27 15.10
N ALA E 79 -8.28 7.55 15.36
CA ALA E 79 -7.20 8.52 15.36
C ALA E 79 -6.14 8.19 16.40
N GLU E 80 -6.56 7.58 17.51
CA GLU E 80 -5.64 7.15 18.55
C GLU E 80 -4.65 6.08 18.07
N ASP E 81 -4.91 5.46 16.91
CA ASP E 81 -4.07 4.40 16.40
C ASP E 81 -2.95 4.91 15.48
N GLU E 82 -2.94 6.20 15.15
CA GLU E 82 -1.86 6.77 14.37
C GLU E 82 -0.56 6.69 15.16
N ALA E 83 0.41 5.98 14.62
CA ALA E 83 1.67 5.71 15.32
C ALA E 83 2.61 5.00 14.36
N ASP E 84 3.84 4.79 14.84
CA ASP E 84 4.80 3.90 14.19
C ASP E 84 4.62 2.49 14.76
N TYR E 85 4.66 1.51 13.87
CA TYR E 85 4.50 0.11 14.23
C TYR E 85 5.71 -0.68 13.79
N TYR E 86 6.24 -1.50 14.68
CA TYR E 86 7.45 -2.28 14.43
C TYR E 86 7.16 -3.76 14.64
N CYS E 87 7.57 -4.58 13.69
CA CYS E 87 7.55 -6.02 13.89
C CYS E 87 8.89 -6.46 14.44
N GLN E 88 8.88 -7.59 15.16
CA GLN E 88 10.08 -8.10 15.79
C GLN E 88 10.05 -9.62 15.73
N SER E 89 11.20 -10.21 15.45
CA SER E 89 11.34 -11.66 15.39
C SER E 89 12.81 -11.99 15.54
N ALA E 90 13.16 -13.23 15.22
CA ALA E 90 14.53 -13.71 15.35
C ALA E 90 14.84 -14.65 14.19
N ASP E 91 16.11 -14.66 13.79
CA ASP E 91 16.56 -15.64 12.80
C ASP E 91 16.41 -17.05 13.38
N SER E 92 16.14 -18.02 12.50
CA SER E 92 16.06 -19.41 12.92
C SER E 92 17.43 -20.04 13.09
N SER E 93 18.49 -19.40 12.60
CA SER E 93 19.83 -20.00 12.66
C SER E 93 20.32 -20.13 14.09
N GLY E 94 19.82 -19.28 15.00
CA GLY E 94 20.22 -19.37 16.39
C GLY E 94 21.55 -18.74 16.73
N THR E 95 22.00 -17.76 15.95
CA THR E 95 23.26 -17.06 16.20
C THR E 95 23.06 -15.59 16.52
N SER E 96 21.82 -15.11 16.57
CA SER E 96 21.53 -13.71 16.84
C SER E 96 20.38 -13.63 17.82
N HIS E 97 20.01 -12.40 18.17
CA HIS E 97 18.93 -12.11 19.10
C HIS E 97 17.78 -11.46 18.34
N TRP E 98 16.97 -10.67 19.05
CA TRP E 98 15.81 -10.05 18.43
C TRP E 98 16.23 -9.03 17.37
N VAL E 99 15.49 -8.99 16.27
CA VAL E 99 15.66 -7.99 15.23
C VAL E 99 14.32 -7.28 15.04
N PHE E 100 14.38 -5.99 14.80
CA PHE E 100 13.19 -5.19 14.52
C PHE E 100 13.09 -4.94 13.02
N GLY E 101 11.86 -4.88 12.53
CA GLY E 101 11.64 -4.36 11.20
C GLY E 101 11.91 -2.87 11.14
N GLY E 102 11.92 -2.34 9.92
CA GLY E 102 12.22 -0.92 9.74
C GLY E 102 11.16 0.03 10.28
N GLY E 103 9.97 -0.48 10.57
CA GLY E 103 8.91 0.37 11.09
C GLY E 103 7.97 0.89 10.03
N THR E 104 6.69 1.03 10.39
CA THR E 104 5.66 1.52 9.49
C THR E 104 4.94 2.68 10.16
N LYS E 105 4.92 3.83 9.48
CA LYS E 105 4.14 4.97 9.95
C LYS E 105 2.71 4.80 9.47
N LEU E 106 1.78 4.63 10.40
CA LEU E 106 0.36 4.54 10.06
C LEU E 106 -0.26 5.91 10.22
N THR E 107 -0.72 6.49 9.11
CA THR E 107 -1.42 7.76 9.13
C THR E 107 -2.92 7.49 9.07
N VAL E 108 -3.65 8.04 10.04
CA VAL E 108 -5.10 7.98 10.07
C VAL E 108 -5.61 9.34 9.60
N LEU E 109 -6.12 9.39 8.37
CA LEU E 109 -6.54 10.64 7.74
C LEU E 109 -7.82 11.14 8.39
N GLY E 110 -7.69 12.04 9.36
CA GLY E 110 -8.86 12.60 10.02
C GLY E 110 -9.19 14.00 9.58
N GLN E 111 -8.84 14.35 8.35
CA GLN E 111 -8.94 15.72 7.85
C GLN E 111 -8.76 15.72 6.34
N PRO E 112 -9.47 16.59 5.61
CA PRO E 112 -9.28 16.64 4.16
C PRO E 112 -7.88 17.11 3.79
N LYS E 113 -7.47 16.75 2.57
CA LYS E 113 -6.17 17.15 2.05
C LYS E 113 -6.07 18.67 2.00
N ALA E 114 -4.87 19.17 2.29
CA ALA E 114 -4.62 20.62 2.32
C ALA E 114 -3.25 20.88 1.74
N ALA E 115 -3.20 21.71 0.70
CA ALA E 115 -1.91 22.08 0.12
C ALA E 115 -1.15 22.98 1.09
N PRO E 116 0.18 22.92 1.06
CA PRO E 116 0.97 23.76 1.97
C PRO E 116 0.97 25.21 1.52
N SER E 117 0.89 26.11 2.50
CA SER E 117 1.19 27.52 2.28
C SER E 117 2.69 27.73 2.47
N VAL E 118 3.30 28.45 1.53
CA VAL E 118 4.76 28.59 1.47
C VAL E 118 5.12 30.07 1.58
N THR E 119 6.04 30.38 2.49
CA THR E 119 6.54 31.73 2.67
C THR E 119 8.06 31.68 2.57
N LEU E 120 8.61 32.42 1.60
CA LEU E 120 10.04 32.36 1.29
C LEU E 120 10.66 33.74 1.54
N PHE E 121 11.61 33.79 2.46
CA PHE E 121 12.29 35.04 2.80
C PHE E 121 13.67 35.08 2.17
N PRO E 122 14.06 36.19 1.56
CA PRO E 122 15.43 36.32 1.06
C PRO E 122 16.39 36.55 2.21
N PRO E 123 17.69 36.52 1.96
CA PRO E 123 18.65 36.84 3.02
C PRO E 123 18.47 38.28 3.49
N SER E 124 18.62 38.49 4.78
CA SER E 124 18.52 39.83 5.33
C SER E 124 19.74 40.65 4.95
N SER E 125 19.53 41.96 4.78
CA SER E 125 20.66 42.85 4.53
C SER E 125 21.69 42.76 5.65
N GLU E 126 21.22 42.58 6.88
CA GLU E 126 22.14 42.41 8.01
C GLU E 126 22.98 41.14 7.86
N GLU E 127 22.37 40.06 7.36
CA GLU E 127 23.12 38.82 7.17
C GLU E 127 24.14 38.96 6.05
N LEU E 128 23.75 39.59 4.94
CA LEU E 128 24.69 39.80 3.84
C LEU E 128 25.87 40.66 4.27
N GLN E 129 25.62 41.66 5.11
CA GLN E 129 26.69 42.47 5.67
C GLN E 129 27.58 41.67 6.61
N ALA E 130 27.14 40.49 7.04
CA ALA E 130 27.98 39.55 7.78
C ALA E 130 28.61 38.50 6.87
N ASN E 131 28.58 38.73 5.55
CA ASN E 131 29.21 37.84 4.56
C ASN E 131 28.57 36.45 4.58
N LYS E 132 27.26 36.41 4.76
CA LYS E 132 26.51 35.17 4.75
C LYS E 132 25.15 35.40 4.12
N ALA E 133 24.54 34.32 3.64
CA ALA E 133 23.22 34.39 3.03
C ALA E 133 22.45 33.12 3.36
N THR E 134 21.23 33.29 3.87
CA THR E 134 20.35 32.17 4.17
C THR E 134 18.97 32.48 3.60
N LEU E 135 18.44 31.53 2.82
CA LEU E 135 17.08 31.61 2.33
C LEU E 135 16.18 30.75 3.23
N VAL E 136 15.07 31.33 3.66
CA VAL E 136 14.20 30.69 4.66
C VAL E 136 12.88 30.37 3.99
N CYS E 137 12.61 29.09 3.79
CA CYS E 137 11.35 28.61 3.23
C CYS E 137 10.52 28.03 4.36
N LEU E 138 9.41 28.71 4.68
CA LEU E 138 8.52 28.30 5.75
C LEU E 138 7.26 27.69 5.14
N ILE E 139 6.93 26.48 5.60
CA ILE E 139 5.86 25.68 5.01
C ILE E 139 4.87 25.31 6.12
N SER E 140 3.59 25.58 5.90
CA SER E 140 2.62 25.44 6.96
C SER E 140 1.26 25.01 6.40
N ASP E 141 0.41 24.53 7.31
CA ASP E 141 -1.00 24.26 7.03
C ASP E 141 -1.18 23.25 5.90
N PHE E 142 -0.42 22.16 5.94
CA PHE E 142 -0.59 21.07 5.00
C PHE E 142 -0.97 19.79 5.73
N TYR E 143 -1.76 18.95 5.03
CA TYR E 143 -2.22 17.68 5.55
C TYR E 143 -2.41 16.75 4.34
N PRO E 144 -1.93 15.50 4.40
CA PRO E 144 -1.21 14.86 5.52
C PRO E 144 0.19 15.44 5.72
N GLY E 145 0.87 15.05 6.80
CA GLY E 145 2.14 15.66 7.15
C GLY E 145 3.35 15.07 6.45
N ALA E 146 3.43 15.25 5.14
CA ALA E 146 4.58 14.78 4.37
C ALA E 146 4.76 15.69 3.16
N VAL E 147 5.93 16.30 3.04
CA VAL E 147 6.28 17.13 1.89
C VAL E 147 7.72 16.82 1.51
N THR E 148 8.04 17.11 0.25
CA THR E 148 9.42 17.11 -0.23
C THR E 148 9.73 18.49 -0.77
N VAL E 149 10.94 18.98 -0.50
CA VAL E 149 11.33 20.34 -0.81
C VAL E 149 12.51 20.30 -1.78
N ALA E 150 12.40 21.06 -2.87
CA ALA E 150 13.48 21.20 -3.84
C ALA E 150 13.75 22.68 -4.07
N TRP E 151 15.03 23.03 -4.11
CA TRP E 151 15.47 24.41 -4.31
C TRP E 151 16.03 24.57 -5.72
N LYS E 152 15.78 25.73 -6.31
CA LYS E 152 16.22 26.04 -7.67
C LYS E 152 17.02 27.32 -7.68
N ALA E 153 18.14 27.31 -8.40
CA ALA E 153 18.88 28.51 -8.77
C ALA E 153 18.45 28.89 -10.17
N ASP E 154 17.73 30.00 -10.30
CA ASP E 154 16.95 30.30 -11.49
C ASP E 154 15.97 29.17 -11.75
N SER E 155 16.29 28.28 -12.69
CA SER E 155 15.48 27.11 -12.98
C SER E 155 16.24 25.80 -12.84
N SER E 156 17.51 25.85 -12.43
CA SER E 156 18.45 24.75 -12.24
C SER E 156 18.42 24.26 -10.80
N PRO E 157 18.49 22.95 -10.59
CA PRO E 157 18.42 22.42 -9.22
C PRO E 157 19.72 22.66 -8.46
N VAL E 158 19.59 22.78 -7.14
CA VAL E 158 20.73 22.85 -6.24
C VAL E 158 20.54 21.82 -5.14
N LYS E 159 21.64 21.16 -4.74
CA LYS E 159 21.62 20.14 -3.71
C LYS E 159 22.41 20.51 -2.48
N ALA E 160 23.45 21.33 -2.61
CA ALA E 160 24.30 21.69 -1.49
C ALA E 160 23.69 22.86 -0.73
N GLY E 161 23.83 22.83 0.60
CA GLY E 161 23.36 23.91 1.44
C GLY E 161 21.89 23.85 1.80
N VAL E 162 21.24 22.71 1.63
CA VAL E 162 19.82 22.55 1.94
C VAL E 162 19.68 21.79 3.25
N GLU E 163 18.91 22.35 4.18
CA GLU E 163 18.59 21.71 5.45
C GLU E 163 17.09 21.85 5.67
N THR E 164 16.40 20.73 5.77
CA THR E 164 14.95 20.71 5.92
C THR E 164 14.57 19.93 7.18
N THR E 165 13.55 20.44 7.88
CA THR E 165 13.08 19.79 9.09
C THR E 165 12.09 18.68 8.75
N THR E 166 11.85 17.82 9.75
CA THR E 166 10.75 16.89 9.64
C THR E 166 9.43 17.63 9.86
N PRO E 167 8.35 17.16 9.23
CA PRO E 167 7.03 17.76 9.51
C PRO E 167 6.70 17.73 10.99
N SER E 168 6.07 18.79 11.46
CA SER E 168 5.71 18.92 12.87
C SER E 168 4.25 19.36 12.97
N LYS E 169 3.51 18.73 13.89
CA LYS E 169 2.09 18.98 14.03
C LYS E 169 1.86 20.31 14.72
N GLN E 170 1.21 21.25 14.03
CA GLN E 170 0.90 22.53 14.62
C GLN E 170 -0.23 22.40 15.63
N SER E 171 -0.56 23.52 16.28
CA SER E 171 -1.64 23.52 17.27
C SER E 171 -2.98 23.18 16.62
N ASN E 172 -3.22 23.68 15.40
CA ASN E 172 -4.46 23.42 14.68
C ASN E 172 -4.54 22.02 14.08
N ASN E 173 -3.56 21.17 14.36
CA ASN E 173 -3.46 19.77 13.94
C ASN E 173 -3.14 19.63 12.45
N LYS E 174 -2.90 20.73 11.75
CA LYS E 174 -2.22 20.64 10.46
C LYS E 174 -0.72 20.56 10.71
N TYR E 175 0.05 20.40 9.64
CA TYR E 175 1.49 20.16 9.77
C TYR E 175 2.29 21.31 9.19
N ALA E 176 3.52 21.46 9.71
CA ALA E 176 4.42 22.53 9.31
C ALA E 176 5.83 21.98 9.14
N ALA E 177 6.61 22.66 8.30
CA ALA E 177 8.01 22.33 8.10
C ALA E 177 8.74 23.60 7.67
N SER E 178 10.05 23.50 7.51
CA SER E 178 10.85 24.65 7.11
C SER E 178 12.14 24.15 6.48
N SER E 179 12.57 24.83 5.42
CA SER E 179 13.81 24.50 4.73
C SER E 179 14.70 25.73 4.66
N TYR E 180 16.01 25.50 4.70
CA TYR E 180 16.99 26.57 4.70
C TYR E 180 18.00 26.33 3.59
N LEU E 181 18.26 27.36 2.79
CA LEU E 181 19.25 27.31 1.72
C LEU E 181 20.39 28.25 2.08
N SER E 182 21.56 27.68 2.37
CA SER E 182 22.75 28.47 2.67
C SER E 182 23.50 28.77 1.39
N LEU E 183 23.77 30.05 1.14
CA LEU E 183 24.53 30.49 -0.01
C LEU E 183 25.59 31.49 0.41
N THR E 184 26.60 31.63 -0.44
CA THR E 184 27.46 32.80 -0.33
C THR E 184 26.73 34.01 -0.90
N PRO E 185 26.99 35.20 -0.36
CA PRO E 185 26.36 36.40 -0.93
C PRO E 185 26.62 36.57 -2.42
N GLU E 186 27.76 36.08 -2.90
CA GLU E 186 28.07 36.15 -4.32
C GLU E 186 27.13 35.25 -5.14
N GLN E 187 26.86 34.03 -4.64
CA GLN E 187 25.91 33.16 -5.31
C GLN E 187 24.52 33.78 -5.37
N TRP E 188 24.06 34.31 -4.24
CA TRP E 188 22.73 34.92 -4.16
C TRP E 188 22.60 36.08 -5.14
N LYS E 189 23.66 36.88 -5.28
CA LYS E 189 23.63 38.03 -6.18
C LYS E 189 23.88 37.67 -7.64
N SER E 190 24.45 36.48 -7.90
CA SER E 190 24.81 36.11 -9.27
C SER E 190 23.66 35.51 -10.06
N HIS E 191 22.62 35.01 -9.40
CA HIS E 191 21.48 34.41 -10.08
C HIS E 191 20.33 35.41 -10.18
N ARG E 192 19.47 35.18 -11.19
CA ARG E 192 18.31 36.03 -11.36
C ARG E 192 17.28 35.82 -10.26
N SER E 193 17.17 34.60 -9.75
CA SER E 193 16.19 34.28 -8.72
C SER E 193 16.51 32.92 -8.12
N TYR E 194 15.98 32.69 -6.93
CA TYR E 194 16.01 31.39 -6.28
C TYR E 194 14.58 30.98 -5.94
N SER E 195 14.32 29.68 -5.99
CA SER E 195 12.96 29.16 -5.84
C SER E 195 12.94 28.01 -4.83
N CYS E 196 11.91 28.01 -3.99
CA CYS E 196 11.63 26.91 -3.08
C CYS E 196 10.39 26.17 -3.60
N GLN E 197 10.58 24.91 -3.97
CA GLN E 197 9.52 24.10 -4.56
C GLN E 197 9.13 22.99 -3.60
N VAL E 198 7.89 23.03 -3.12
CA VAL E 198 7.36 22.07 -2.16
C VAL E 198 6.38 21.17 -2.88
N THR E 199 6.71 19.88 -2.96
CA THR E 199 5.83 18.88 -3.55
C THR E 199 5.03 18.21 -2.43
N HIS E 200 3.70 18.28 -2.53
CA HIS E 200 2.81 17.72 -1.53
C HIS E 200 1.74 16.91 -2.24
N GLU E 201 1.66 15.62 -1.93
CA GLU E 201 0.70 14.71 -2.54
C GLU E 201 0.84 14.73 -4.06
N GLY E 202 2.08 14.68 -4.54
CA GLY E 202 2.36 14.64 -5.96
C GLY E 202 2.19 15.96 -6.69
N SER E 203 1.73 17.01 -6.03
CA SER E 203 1.56 18.32 -6.65
C SER E 203 2.46 19.33 -5.95
N THR E 204 2.99 20.27 -6.73
CA THR E 204 4.04 21.17 -6.27
C THR E 204 3.52 22.60 -6.11
N VAL E 205 3.89 23.23 -5.00
CA VAL E 205 3.61 24.63 -4.74
C VAL E 205 4.96 25.33 -4.51
N GLU E 206 5.18 26.46 -5.19
CA GLU E 206 6.48 27.08 -5.23
C GLU E 206 6.42 28.57 -4.89
N LYS E 207 7.57 29.10 -4.47
CA LYS E 207 7.76 30.52 -4.25
C LYS E 207 9.17 30.88 -4.70
N THR E 208 9.33 32.11 -5.20
CA THR E 208 10.59 32.55 -5.77
C THR E 208 10.96 33.92 -5.20
N VAL E 209 12.25 34.10 -4.91
CA VAL E 209 12.78 35.39 -4.50
C VAL E 209 13.92 35.76 -5.43
N ALA E 210 14.24 37.05 -5.47
CA ALA E 210 15.26 37.59 -6.36
C ALA E 210 16.03 38.70 -5.65
N PRO E 211 17.33 38.84 -5.93
CA PRO E 211 18.14 39.92 -5.33
C PRO E 211 17.85 41.27 -6.00
N THR E 212 16.73 41.87 -5.63
CA THR E 212 16.22 43.07 -6.26
C THR E 212 16.29 44.26 -5.29
N GLU E 213 15.77 45.39 -5.76
CA GLU E 213 15.77 46.65 -5.02
C GLU E 213 17.19 47.10 -4.67
N GLU F 1 2.93 -2.96 40.11
CA GLU F 1 3.63 -1.86 39.47
C GLU F 1 4.98 -2.30 38.91
N VAL F 2 4.94 -2.97 37.76
CA VAL F 2 6.16 -3.34 37.05
C VAL F 2 6.68 -2.10 36.34
N GLN F 3 7.98 -1.82 36.49
CA GLN F 3 8.49 -0.53 36.08
C GLN F 3 10.00 -0.60 35.87
N LEU F 4 10.48 0.13 34.85
CA LEU F 4 11.90 0.24 34.52
C LEU F 4 12.23 1.72 34.36
N LEU F 5 13.24 2.19 35.07
CA LEU F 5 13.61 3.61 35.05
C LEU F 5 15.05 3.74 34.60
N GLU F 6 15.25 4.35 33.44
CA GLU F 6 16.60 4.60 32.93
C GLU F 6 17.14 5.93 33.42
N SER F 7 18.47 6.02 33.44
CA SER F 7 19.16 7.27 33.72
C SER F 7 20.57 7.15 33.16
N GLY F 8 21.30 8.26 33.19
CA GLY F 8 22.66 8.28 32.73
C GLY F 8 22.87 8.90 31.37
N GLY F 9 21.80 9.18 30.64
CA GLY F 9 21.94 9.84 29.35
C GLY F 9 22.47 11.25 29.50
N GLY F 10 23.09 11.74 28.44
CA GLY F 10 23.60 13.09 28.45
C GLY F 10 24.33 13.41 27.17
N LEU F 11 24.92 14.61 27.14
CA LEU F 11 25.70 15.07 26.00
C LEU F 11 27.16 14.71 26.21
N VAL F 12 27.74 14.02 25.22
CA VAL F 12 29.14 13.64 25.25
C VAL F 12 29.76 13.85 23.88
N GLN F 13 31.06 14.05 23.86
CA GLN F 13 31.79 14.24 22.61
C GLN F 13 32.10 12.89 21.98
N PRO F 14 32.32 12.85 20.67
CA PRO F 14 32.73 11.60 20.02
C PRO F 14 33.99 11.05 20.68
N GLY F 15 34.02 9.72 20.85
CA GLY F 15 35.09 9.07 21.57
C GLY F 15 34.93 9.08 23.07
N GLY F 16 33.92 9.76 23.60
CA GLY F 16 33.69 9.81 25.02
C GLY F 16 33.02 8.54 25.55
N SER F 17 32.60 8.62 26.81
CA SER F 17 32.07 7.46 27.50
C SER F 17 30.89 7.87 28.39
N LEU F 18 29.88 7.02 28.41
CA LEU F 18 28.70 7.18 29.27
C LEU F 18 28.34 5.83 29.87
N ARG F 19 27.74 5.88 31.06
CA ARG F 19 27.24 4.70 31.75
C ARG F 19 25.74 4.88 31.99
N LEU F 20 24.93 4.05 31.34
CA LEU F 20 23.49 4.07 31.55
C LEU F 20 23.09 3.05 32.60
N SER F 21 22.02 3.34 33.31
CA SER F 21 21.49 2.44 34.31
C SER F 21 19.98 2.33 34.14
N CYS F 22 19.44 1.19 34.57
CA CYS F 22 18.01 0.92 34.47
C CYS F 22 17.59 0.21 35.75
N ALA F 23 16.78 0.87 36.57
CA ALA F 23 16.32 0.32 37.84
C ALA F 23 14.98 -0.36 37.65
N ALA F 24 14.90 -1.63 38.03
CA ALA F 24 13.70 -2.44 37.88
C ALA F 24 12.99 -2.62 39.22
N SER F 25 11.68 -2.82 39.15
CA SER F 25 10.86 -3.12 40.32
C SER F 25 9.54 -3.70 39.85
N GLY F 26 8.88 -4.42 40.74
CA GLY F 26 7.59 -5.00 40.45
C GLY F 26 7.61 -6.39 39.86
N PHE F 27 8.79 -6.95 39.60
CA PHE F 27 8.89 -8.31 39.09
C PHE F 27 10.21 -8.92 39.57
N THR F 28 10.29 -10.24 39.50
CA THR F 28 11.50 -10.96 39.91
C THR F 28 12.57 -10.71 38.86
N PHE F 29 13.30 -9.61 39.05
CA PHE F 29 14.28 -9.15 38.08
C PHE F 29 15.30 -10.23 37.74
N SER F 30 15.79 -10.95 38.74
CA SER F 30 16.85 -11.93 38.54
C SER F 30 16.42 -13.15 37.73
N SER F 31 15.14 -13.28 37.39
CA SER F 31 14.67 -14.41 36.61
C SER F 31 14.61 -14.13 35.12
N TYR F 32 14.87 -12.89 34.70
CA TYR F 32 14.66 -12.47 33.32
C TYR F 32 15.96 -11.98 32.71
N ALA F 33 16.15 -12.30 31.44
CA ALA F 33 17.13 -11.57 30.64
C ALA F 33 16.63 -10.15 30.44
N MET F 34 17.57 -9.23 30.24
CA MET F 34 17.22 -7.84 29.99
C MET F 34 18.01 -7.32 28.79
N SER F 35 17.35 -6.49 27.99
CA SER F 35 17.93 -5.97 26.76
C SER F 35 17.93 -4.45 26.76
N TRP F 36 18.88 -3.88 26.03
CA TRP F 36 18.86 -2.46 25.70
C TRP F 36 18.45 -2.31 24.25
N VAL F 37 17.53 -1.38 24.00
CA VAL F 37 17.04 -1.08 22.66
C VAL F 37 17.15 0.42 22.47
N ARG F 38 17.69 0.85 21.33
CA ARG F 38 17.89 2.26 21.08
C ARG F 38 17.16 2.69 19.82
N GLN F 39 17.01 4.02 19.68
CA GLN F 39 16.27 4.61 18.57
C GLN F 39 16.91 5.95 18.27
N ALA F 40 17.64 6.03 17.15
CA ALA F 40 18.21 7.28 16.69
C ALA F 40 17.10 8.27 16.34
N PRO F 41 17.39 9.58 16.40
CA PRO F 41 16.34 10.57 16.10
C PRO F 41 15.70 10.35 14.73
N GLY F 42 14.40 10.08 14.74
CA GLY F 42 13.68 9.85 13.51
C GLY F 42 13.91 8.52 12.84
N LYS F 43 14.56 7.58 13.53
CA LYS F 43 14.86 6.27 12.98
C LYS F 43 14.07 5.20 13.73
N GLY F 44 14.31 3.94 13.35
CA GLY F 44 13.58 2.83 13.91
C GLY F 44 14.23 2.25 15.14
N LEU F 45 13.53 1.28 15.74
CA LEU F 45 14.04 0.60 16.92
C LEU F 45 15.16 -0.36 16.53
N GLU F 46 16.25 -0.32 17.28
CA GLU F 46 17.40 -1.19 17.05
C GLU F 46 17.76 -1.87 18.36
N TRP F 47 17.61 -3.20 18.40
CA TRP F 47 18.10 -3.94 19.56
C TRP F 47 19.62 -3.80 19.65
N VAL F 48 20.12 -3.59 20.87
CA VAL F 48 21.51 -3.25 21.11
C VAL F 48 22.26 -4.38 21.81
N SER F 49 21.73 -4.88 22.92
CA SER F 49 22.47 -5.81 23.75
C SER F 49 21.50 -6.53 24.68
N VAL F 50 21.89 -7.74 25.11
CA VAL F 50 21.12 -8.56 26.03
C VAL F 50 22.06 -9.19 27.04
N ILE F 51 21.59 -9.32 28.28
CA ILE F 51 22.29 -10.06 29.30
C ILE F 51 21.31 -11.08 29.90
N TYR F 52 21.77 -12.29 30.13
CA TYR F 52 20.88 -13.32 30.62
C TYR F 52 20.65 -13.15 32.12
N SER F 53 19.70 -13.92 32.64
CA SER F 53 19.16 -13.67 33.99
C SER F 53 20.26 -13.66 35.04
N GLY F 54 21.18 -14.61 34.98
CA GLY F 54 22.24 -14.67 35.96
C GLY F 54 23.44 -13.79 35.67
N GLY F 55 23.40 -13.00 34.60
CA GLY F 55 24.52 -12.17 34.24
C GLY F 55 25.70 -12.90 33.66
N SER F 56 25.54 -14.19 33.33
CA SER F 56 26.67 -14.98 32.85
C SER F 56 26.93 -14.77 31.37
N SER F 57 25.87 -14.63 30.58
CA SER F 57 26.00 -14.53 29.12
C SER F 57 25.53 -13.16 28.64
N THR F 58 26.23 -12.62 27.65
CA THR F 58 25.90 -11.35 27.05
C THR F 58 26.02 -11.47 25.54
N TYR F 59 25.20 -10.69 24.81
CA TYR F 59 25.30 -10.60 23.37
C TYR F 59 25.01 -9.17 22.93
N TYR F 60 25.60 -8.79 21.80
CA TYR F 60 25.58 -7.41 21.34
C TYR F 60 25.32 -7.39 19.84
N ALA F 61 24.63 -6.33 19.40
CA ALA F 61 24.54 -6.07 17.96
C ALA F 61 25.91 -5.70 17.41
N ASP F 62 26.11 -5.96 16.13
CA ASP F 62 27.39 -5.66 15.49
C ASP F 62 27.72 -4.16 15.55
N SER F 63 26.70 -3.31 15.61
CA SER F 63 26.92 -1.87 15.62
C SER F 63 27.56 -1.38 16.92
N VAL F 64 27.43 -2.13 18.01
CA VAL F 64 27.98 -1.72 19.29
C VAL F 64 28.95 -2.72 19.87
N LYS F 65 29.10 -3.90 19.29
CA LYS F 65 30.01 -4.91 19.80
C LYS F 65 31.42 -4.35 19.89
N GLY F 66 32.11 -4.68 20.99
CA GLY F 66 33.45 -4.19 21.23
C GLY F 66 33.53 -2.79 21.82
N ARG F 67 32.41 -2.09 21.93
CA ARG F 67 32.39 -0.75 22.50
C ARG F 67 31.45 -0.61 23.69
N PHE F 68 30.33 -1.33 23.69
CA PHE F 68 29.38 -1.29 24.80
C PHE F 68 29.52 -2.55 25.63
N THR F 69 29.28 -2.42 26.94
CA THR F 69 29.34 -3.55 27.86
C THR F 69 28.11 -3.51 28.75
N ILE F 70 27.28 -4.54 28.66
CA ILE F 70 26.07 -4.64 29.46
C ILE F 70 26.37 -5.46 30.71
N SER F 71 25.75 -5.07 31.83
CA SER F 71 25.92 -5.77 33.09
C SER F 71 24.69 -5.52 33.95
N ARG F 72 24.57 -6.31 35.02
CA ARG F 72 23.43 -6.22 35.91
C ARG F 72 23.89 -6.46 37.34
N ASP F 73 23.16 -5.86 38.28
CA ASP F 73 23.34 -6.08 39.71
C ASP F 73 21.99 -6.57 40.24
N ASN F 74 21.85 -7.90 40.37
CA ASN F 74 20.58 -8.45 40.81
C ASN F 74 20.29 -8.10 42.27
N SER F 75 21.32 -7.85 43.07
CA SER F 75 21.08 -7.41 44.45
C SER F 75 20.46 -6.02 44.47
N LYS F 76 20.74 -5.19 43.47
CA LYS F 76 20.14 -3.87 43.34
C LYS F 76 18.99 -3.84 42.33
N ASN F 77 18.74 -4.94 41.62
CA ASN F 77 17.71 -5.00 40.58
C ASN F 77 17.93 -3.90 39.54
N THR F 78 19.18 -3.74 39.11
CA THR F 78 19.57 -2.67 38.21
C THR F 78 20.35 -3.24 37.03
N LEU F 79 20.11 -2.67 35.86
CA LEU F 79 20.79 -3.04 34.63
C LEU F 79 21.64 -1.87 34.14
N TYR F 80 22.82 -2.17 33.60
CA TYR F 80 23.75 -1.14 33.19
C TYR F 80 24.18 -1.34 31.73
N LEU F 81 24.52 -0.21 31.08
CA LEU F 81 25.15 -0.22 29.77
C LEU F 81 26.34 0.73 29.82
N GLN F 82 27.54 0.18 29.78
CA GLN F 82 28.76 0.98 29.76
C GLN F 82 29.12 1.25 28.31
N MET F 83 29.06 2.53 27.92
CA MET F 83 29.23 2.95 26.53
C MET F 83 30.58 3.62 26.37
N ASN F 84 31.50 2.95 25.68
CA ASN F 84 32.81 3.50 25.39
C ASN F 84 32.95 3.81 23.90
N SER F 85 33.95 4.63 23.58
CA SER F 85 34.28 5.00 22.20
C SER F 85 33.04 5.46 21.43
N LEU F 86 32.31 6.39 22.03
CA LEU F 86 31.04 6.83 21.48
C LEU F 86 31.23 7.42 20.08
N ARG F 87 30.26 7.17 19.20
CA ARG F 87 30.24 7.71 17.86
C ARG F 87 29.02 8.59 17.69
N ALA F 88 29.07 9.48 16.69
CA ALA F 88 27.96 10.38 16.43
C ALA F 88 26.68 9.60 16.13
N GLU F 89 26.80 8.46 15.48
CA GLU F 89 25.64 7.63 15.17
C GLU F 89 25.19 6.78 16.36
N ASP F 90 25.83 6.91 17.52
CA ASP F 90 25.26 6.35 18.75
C ASP F 90 24.23 7.27 19.39
N THR F 91 24.02 8.45 18.82
CA THR F 91 23.01 9.38 19.33
C THR F 91 21.63 8.76 19.19
N ALA F 92 20.94 8.57 20.31
CA ALA F 92 19.67 7.87 20.31
C ALA F 92 19.05 7.99 21.68
N VAL F 93 17.78 7.61 21.76
CA VAL F 93 17.12 7.33 23.03
C VAL F 93 17.33 5.85 23.33
N TYR F 94 17.84 5.54 24.51
CA TYR F 94 18.18 4.18 24.88
C TYR F 94 17.12 3.64 25.83
N TYR F 95 16.49 2.53 25.43
CA TYR F 95 15.39 1.93 26.17
C TYR F 95 15.84 0.67 26.89
N CYS F 96 15.41 0.54 28.13
CA CYS F 96 15.53 -0.70 28.89
C CYS F 96 14.27 -1.53 28.70
N ALA F 97 14.45 -2.83 28.46
CA ALA F 97 13.30 -3.68 28.17
C ALA F 97 13.47 -5.06 28.77
N LYS F 98 12.43 -5.55 29.43
CA LYS F 98 12.43 -6.91 29.95
C LYS F 98 12.45 -7.91 28.80
N ASP F 99 13.37 -8.88 28.86
CA ASP F 99 13.49 -9.88 27.82
C ASP F 99 12.95 -11.22 28.32
N HIS F 100 13.38 -12.31 27.67
CA HIS F 100 12.76 -13.61 27.90
C HIS F 100 13.03 -14.13 29.31
N LEU F 101 12.03 -14.80 29.88
CA LEU F 101 12.22 -15.54 31.12
C LEU F 101 12.97 -16.82 30.85
N GLU F 102 13.82 -17.23 31.80
CA GLU F 102 14.52 -18.50 31.70
C GLU F 102 14.30 -19.29 32.97
N LEU F 103 13.91 -20.55 32.81
CA LEU F 103 13.60 -21.44 33.93
C LEU F 103 14.45 -22.70 33.86
N SER F 104 14.75 -23.26 35.02
CA SER F 104 15.49 -24.51 35.11
C SER F 104 14.87 -25.44 36.15
N ILE F 110 18.02 -25.37 30.30
CA ILE F 110 17.38 -24.08 30.46
C ILE F 110 16.40 -23.84 29.32
N ASN F 111 15.18 -23.48 29.65
CA ASN F 111 14.16 -23.12 28.67
C ASN F 111 13.89 -21.62 28.73
N TYR F 112 13.57 -21.05 27.57
CA TYR F 112 13.37 -19.62 27.44
C TYR F 112 11.94 -19.34 27.01
N TYR F 113 11.24 -18.51 27.77
CA TYR F 113 9.84 -18.20 27.50
C TYR F 113 9.69 -16.70 27.26
N TYR F 114 9.01 -16.36 26.17
CA TYR F 114 8.95 -14.99 25.67
C TYR F 114 7.55 -14.70 25.19
N TYR F 115 7.00 -13.56 25.61
CA TYR F 115 5.68 -13.13 25.19
C TYR F 115 5.71 -11.68 24.74
N GLY F 116 6.78 -11.32 24.04
CA GLY F 116 6.99 -9.95 23.63
C GLY F 116 7.62 -9.11 24.73
N MET F 117 8.21 -8.01 24.32
CA MET F 117 8.76 -7.02 25.25
C MET F 117 7.61 -6.18 25.77
N ASP F 118 6.94 -6.68 26.80
CA ASP F 118 5.76 -6.01 27.34
C ASP F 118 6.07 -4.91 28.34
N VAL F 119 7.31 -4.83 28.82
CA VAL F 119 7.70 -3.83 29.80
C VAL F 119 8.90 -3.07 29.25
N TRP F 120 8.73 -1.75 29.08
CA TRP F 120 9.79 -0.87 28.62
C TRP F 120 9.99 0.25 29.63
N GLY F 121 11.22 0.74 29.72
CA GLY F 121 11.44 2.02 30.36
C GLY F 121 11.02 3.15 29.43
N GLN F 122 10.99 4.36 29.98
CA GLN F 122 10.61 5.51 29.18
C GLN F 122 11.78 6.11 28.41
N GLY F 123 12.98 5.55 28.56
CA GLY F 123 14.12 5.94 27.74
C GLY F 123 14.94 7.05 28.34
N THR F 124 16.23 7.03 28.02
CA THR F 124 17.16 8.10 28.37
C THR F 124 17.90 8.53 27.12
N THR F 125 18.12 9.83 26.99
CA THR F 125 18.63 10.41 25.75
C THR F 125 20.15 10.55 25.79
N VAL F 126 20.81 10.02 24.77
CA VAL F 126 22.26 10.12 24.61
C VAL F 126 22.52 10.92 23.34
N THR F 127 23.25 12.03 23.49
CA THR F 127 23.62 12.87 22.36
C THR F 127 25.15 12.89 22.26
N VAL F 128 25.66 12.41 21.13
CA VAL F 128 27.09 12.40 20.85
C VAL F 128 27.37 13.52 19.87
N SER F 129 27.99 14.60 20.34
CA SER F 129 28.21 15.77 19.50
C SER F 129 29.38 16.58 20.04
N SER F 130 30.07 17.25 19.13
CA SER F 130 31.16 18.14 19.49
C SER F 130 30.70 19.57 19.73
N ALA F 131 29.39 19.81 19.69
CA ALA F 131 28.88 21.17 19.80
C ALA F 131 29.16 21.76 21.17
N SER F 132 29.53 23.04 21.18
CA SER F 132 29.65 23.80 22.40
C SER F 132 28.45 24.74 22.54
N THR F 133 28.19 25.15 23.78
CA THR F 133 27.13 26.12 24.02
C THR F 133 27.40 27.40 23.23
N LYS F 134 26.41 27.82 22.45
CA LYS F 134 26.58 28.97 21.59
C LYS F 134 25.27 29.74 21.49
N GLY F 135 25.32 31.03 21.75
CA GLY F 135 24.18 31.90 21.60
C GLY F 135 23.90 32.18 20.13
N PRO F 136 22.63 32.40 19.81
CA PRO F 136 22.25 32.55 18.40
C PRO F 136 22.47 33.97 17.89
N SER F 137 22.61 34.06 16.57
CA SER F 137 22.61 35.32 15.85
CA SER F 137 22.61 35.32 15.85
C SER F 137 21.24 35.52 15.24
N VAL F 138 20.63 36.68 15.48
CA VAL F 138 19.26 36.95 15.07
C VAL F 138 19.26 37.98 13.95
N PHE F 139 18.55 37.67 12.86
CA PHE F 139 18.43 38.53 11.71
C PHE F 139 16.96 38.76 11.40
N PRO F 140 16.57 39.97 11.01
CA PRO F 140 15.17 40.25 10.70
C PRO F 140 14.79 39.69 9.34
N LEU F 141 13.58 39.16 9.25
CA LEU F 141 12.99 38.72 7.99
C LEU F 141 11.95 39.78 7.61
N ALA F 142 12.38 40.74 6.79
CA ALA F 142 11.55 41.90 6.51
C ALA F 142 10.37 41.53 5.61
N PRO F 143 9.25 42.23 5.74
CA PRO F 143 8.11 42.00 4.85
C PRO F 143 8.17 42.89 3.63
N SER F 144 7.26 42.63 2.70
CA SER F 144 7.13 43.42 1.49
C SER F 144 6.60 44.82 1.79
N GLY F 151 -4.90 42.85 2.83
CA GLY F 151 -3.86 43.54 3.56
C GLY F 151 -3.24 42.70 4.65
N THR F 152 -2.47 41.69 4.24
CA THR F 152 -1.86 40.75 5.16
C THR F 152 -0.41 40.52 4.77
N ALA F 153 0.49 40.63 5.75
CA ALA F 153 1.93 40.55 5.49
C ALA F 153 2.61 39.66 6.51
N ALA F 154 3.69 39.01 6.09
CA ALA F 154 4.46 38.10 6.93
C ALA F 154 5.86 38.64 7.10
N LEU F 155 6.23 38.94 8.34
CA LEU F 155 7.59 39.30 8.71
C LEU F 155 8.05 38.33 9.80
N GLY F 156 9.36 38.31 10.08
CA GLY F 156 9.84 37.32 11.01
C GLY F 156 11.25 37.59 11.48
N CYS F 157 11.80 36.62 12.19
CA CYS F 157 13.15 36.69 12.72
C CYS F 157 13.85 35.35 12.52
N LEU F 158 15.05 35.37 11.98
CA LEU F 158 15.85 34.18 11.76
C LEU F 158 16.82 34.03 12.94
N VAL F 159 16.76 32.88 13.60
CA VAL F 159 17.54 32.62 14.81
C VAL F 159 18.57 31.55 14.44
N LYS F 160 19.83 31.97 14.24
CA LYS F 160 20.83 31.17 13.56
C LYS F 160 21.90 30.66 14.52
N ASP F 161 22.23 29.38 14.39
CA ASP F 161 23.47 28.80 14.92
C ASP F 161 23.55 28.92 16.45
N TYR F 162 22.66 28.23 17.13
CA TYR F 162 22.68 28.17 18.59
C TYR F 162 22.73 26.72 19.05
N PHE F 163 23.27 26.53 20.26
CA PHE F 163 23.32 25.23 20.88
C PHE F 163 23.37 25.43 22.39
N PRO F 164 22.64 24.62 23.16
CA PRO F 164 21.71 23.57 22.73
C PRO F 164 20.28 24.08 22.69
N GLU F 165 19.31 23.21 22.42
CA GLU F 165 17.92 23.58 22.58
C GLU F 165 17.64 23.91 24.05
N PRO F 166 16.64 24.76 24.31
CA PRO F 166 15.74 25.42 23.38
C PRO F 166 15.96 26.92 23.24
N VAL F 167 15.26 27.54 22.28
CA VAL F 167 15.16 28.98 22.16
C VAL F 167 13.69 29.36 22.18
N THR F 168 13.34 30.38 22.95
CA THR F 168 11.99 30.91 22.99
C THR F 168 11.93 32.22 22.23
N VAL F 169 10.83 32.43 21.52
CA VAL F 169 10.60 33.66 20.76
C VAL F 169 9.23 34.22 21.12
N SER F 170 9.20 35.48 21.53
CA SER F 170 7.97 36.23 21.67
C SER F 170 8.02 37.45 20.75
N TRP F 171 6.89 38.12 20.60
CA TRP F 171 6.78 39.28 19.74
C TRP F 171 6.18 40.43 20.53
N ASN F 172 6.85 41.58 20.49
CA ASN F 172 6.43 42.76 21.24
C ASN F 172 6.28 42.45 22.73
N SER F 173 7.26 41.71 23.27
CA SER F 173 7.32 41.36 24.69
C SER F 173 6.07 40.59 25.12
N GLY F 174 5.55 39.74 24.23
CA GLY F 174 4.39 38.94 24.51
C GLY F 174 3.06 39.62 24.23
N ALA F 175 3.05 40.92 23.96
CA ALA F 175 1.79 41.61 23.70
C ALA F 175 1.17 41.19 22.37
N LEU F 176 1.94 40.54 21.50
CA LEU F 176 1.46 40.09 20.19
C LEU F 176 1.51 38.57 20.20
N THR F 177 0.35 37.93 20.05
CA THR F 177 0.27 36.47 20.09
C THR F 177 -0.52 35.91 18.92
N SER F 178 -1.47 36.68 18.40
CA SER F 178 -2.23 36.24 17.24
C SER F 178 -1.38 36.35 15.99
N GLY F 179 -1.44 35.30 15.16
CA GLY F 179 -0.68 35.26 13.93
C GLY F 179 0.78 34.87 14.07
N VAL F 180 1.24 34.60 15.28
CA VAL F 180 2.64 34.24 15.53
C VAL F 180 2.81 32.74 15.30
N HIS F 181 3.76 32.37 14.44
CA HIS F 181 4.10 30.98 14.18
C HIS F 181 5.61 30.83 14.34
N THR F 182 6.03 30.12 15.39
CA THR F 182 7.44 29.81 15.63
C THR F 182 7.69 28.38 15.20
N PHE F 183 8.64 28.18 14.30
CA PHE F 183 8.80 26.87 13.72
C PHE F 183 9.83 26.05 14.51
N PRO F 184 9.67 24.72 14.54
CA PRO F 184 10.67 23.88 15.21
C PRO F 184 12.03 24.00 14.55
N ALA F 185 13.08 23.87 15.35
CA ALA F 185 14.43 24.13 14.87
C ALA F 185 14.87 23.02 13.93
N VAL F 186 15.79 23.38 13.02
CA VAL F 186 16.49 22.42 12.18
C VAL F 186 17.85 22.16 12.81
N LEU F 187 18.30 20.91 12.75
CA LEU F 187 19.61 20.52 13.24
C LEU F 187 20.53 20.41 12.03
N GLN F 188 21.45 21.36 11.93
CA GLN F 188 22.37 21.46 10.81
C GLN F 188 23.46 20.40 10.95
N SER F 189 24.09 20.07 9.83
CA SER F 189 25.23 19.17 9.84
C SER F 189 26.37 19.69 10.71
N SER F 190 26.36 20.98 11.02
CA SER F 190 27.35 21.57 11.93
C SER F 190 27.12 21.19 13.38
N GLY F 191 25.96 20.65 13.72
CA GLY F 191 25.62 20.40 15.10
C GLY F 191 24.91 21.54 15.80
N LEU F 192 24.69 22.66 15.11
CA LEU F 192 23.98 23.81 15.66
C LEU F 192 22.54 23.83 15.16
N TYR F 193 21.69 24.49 15.91
CA TYR F 193 20.27 24.63 15.57
C TYR F 193 20.00 26.00 14.95
N SER F 194 18.98 26.05 14.12
CA SER F 194 18.43 27.30 13.60
C SER F 194 16.93 27.15 13.47
N LEU F 195 16.20 28.19 13.85
CA LEU F 195 14.76 28.23 13.67
C LEU F 195 14.35 29.61 13.21
N SER F 196 13.10 29.73 12.78
CA SER F 196 12.52 31.00 12.38
C SER F 196 11.18 31.18 13.07
N SER F 197 10.82 32.44 13.31
CA SER F 197 9.53 32.79 13.88
C SER F 197 8.91 33.87 13.00
N VAL F 198 7.77 33.56 12.40
CA VAL F 198 7.07 34.47 11.49
C VAL F 198 5.73 34.85 12.10
N VAL F 199 5.34 36.11 11.93
CA VAL F 199 4.06 36.61 12.41
C VAL F 199 3.36 37.35 11.28
N THR F 200 2.07 37.07 11.12
CA THR F 200 1.26 37.66 10.06
C THR F 200 0.47 38.83 10.61
N VAL F 201 0.62 39.99 9.98
CA VAL F 201 0.07 41.24 10.51
C VAL F 201 -0.63 42.00 9.39
N PRO F 202 -1.51 42.94 9.73
CA PRO F 202 -2.16 43.75 8.69
C PRO F 202 -1.16 44.64 7.96
N SER F 203 -1.39 44.81 6.65
CA SER F 203 -0.49 45.60 5.83
C SER F 203 -0.48 47.06 6.25
N SER F 204 -1.63 47.59 6.65
CA SER F 204 -1.73 49.01 6.98
C SER F 204 -0.90 49.39 8.20
N SER F 205 -0.47 48.41 9.00
CA SER F 205 0.31 48.66 10.20
C SER F 205 1.81 48.71 9.95
N LEU F 206 2.27 48.30 8.77
CA LEU F 206 3.70 48.08 8.54
C LEU F 206 4.53 49.34 8.74
N GLY F 207 3.98 50.50 8.37
CA GLY F 207 4.72 51.74 8.56
C GLY F 207 4.44 52.45 9.86
N THR F 208 3.46 51.98 10.63
CA THR F 208 3.02 52.68 11.83
C THR F 208 3.16 51.88 13.12
N GLN F 209 3.27 50.55 13.05
CA GLN F 209 3.41 49.71 14.22
C GLN F 209 4.79 49.07 14.23
N THR F 210 5.50 49.21 15.35
CA THR F 210 6.81 48.59 15.51
C THR F 210 6.64 47.13 15.89
N TYR F 211 7.47 46.27 15.29
CA TYR F 211 7.42 44.83 15.53
C TYR F 211 8.81 44.38 15.99
N ILE F 212 8.90 43.94 17.24
CA ILE F 212 10.16 43.49 17.83
C ILE F 212 9.99 42.04 18.26
N CYS F 213 10.83 41.17 17.73
CA CYS F 213 10.90 39.80 18.20
C CYS F 213 11.89 39.69 19.34
N ASN F 214 11.50 38.98 20.39
CA ASN F 214 12.32 38.81 21.58
C ASN F 214 12.80 37.36 21.64
N VAL F 215 14.11 37.19 21.60
CA VAL F 215 14.73 35.86 21.50
C VAL F 215 15.54 35.61 22.77
N ASN F 216 15.18 34.56 23.49
CA ASN F 216 15.89 34.14 24.69
C ASN F 216 16.52 32.78 24.46
N HIS F 217 17.79 32.64 24.85
CA HIS F 217 18.50 31.35 24.86
C HIS F 217 19.10 31.22 26.24
N LYS F 218 18.35 30.60 27.16
CA LYS F 218 18.77 30.47 28.54
C LYS F 218 20.15 29.83 28.73
N PRO F 219 20.51 28.73 28.04
CA PRO F 219 21.82 28.12 28.30
C PRO F 219 23.01 29.05 28.16
N SER F 220 22.98 29.98 27.21
CA SER F 220 24.07 30.92 26.99
C SER F 220 23.78 32.29 27.59
N ASN F 221 22.69 32.43 28.34
CA ASN F 221 22.34 33.68 29.02
C ASN F 221 22.12 34.83 28.04
N THR F 222 21.74 34.54 26.80
CA THR F 222 21.56 35.56 25.78
C THR F 222 20.09 35.89 25.60
N LYS F 223 19.79 37.19 25.55
CA LYS F 223 18.50 37.72 25.12
C LYS F 223 18.77 38.79 24.08
N VAL F 224 18.08 38.72 22.95
CA VAL F 224 18.26 39.69 21.88
C VAL F 224 16.89 40.10 21.35
N ASP F 225 16.67 41.41 21.28
CA ASP F 225 15.48 41.98 20.66
C ASP F 225 15.85 42.54 19.30
N LYS F 226 15.09 42.17 18.27
CA LYS F 226 15.34 42.60 16.91
C LYS F 226 14.11 43.29 16.35
N ARG F 227 14.25 44.57 16.01
CA ARG F 227 13.19 45.26 15.29
C ARG F 227 13.14 44.76 13.85
N VAL F 228 11.95 44.41 13.40
CA VAL F 228 11.73 43.98 12.02
C VAL F 228 10.98 45.11 11.32
N GLU F 229 11.69 45.85 10.47
CA GLU F 229 11.08 46.94 9.73
C GLU F 229 10.93 46.57 8.26
N PRO F 230 9.88 47.04 7.60
CA PRO F 230 9.71 46.78 6.17
C PRO F 230 10.78 47.48 5.35
N LYS F 231 11.02 46.93 4.17
CA LYS F 231 12.02 47.48 3.26
C LYS F 231 11.44 48.65 2.47
#